data_1PSA
#
_entry.id   1PSA
#
_cell.length_a   54.100
_cell.length_b   74.400
_cell.length_c   76.500
_cell.angle_alpha   90.00
_cell.angle_beta   90.00
_cell.angle_gamma   100.80
#
_symmetry.space_group_name_H-M   'P 1 1 21'
#
loop_
_entity.id
_entity.type
_entity.pdbx_description
1 polymer 'PEPSIN A'
2 non-polymer N-(ethoxycarbonyl)-L-leucyl-N-[(1R,2S,3S)-1-(cyclohexylmethyl)-2,3-dihydroxy-5-methylhexyl]-L-leucinamide
3 water water
#
_entity_poly.entity_id   1
_entity_poly.type   'polypeptide(L)'
_entity_poly.pdbx_seq_one_letter_code
;IGDEPLENYLDTEYFGTIGIGTPAQDFTVIFDTGSSNLWVPSVYCSSLACSDHNQFNPDDSSTFEATSQELSITYGTGSM
TGILGYDTVQVGGISDTNQIFGLSETEPGSFLYYAPFDGILGLAYPSISASGATPVFDNLWDQGLVSQDLFSVYLSSNDD
SGSVVLLGGIDSSYYTGSLNWVPVSVEGYWQITLDSITMDGETIACSGGCQAIVDTGTSLLTGPTSAIANIQSDIGASEN
SDGEMVISCSSIDSLPDIVFTINGVQYPLSPSAYILQDDDSCTSGFEGMDVPTSSGELWILGDVFIRQYYTVFDRANNKV
GLAPVA
;
_entity_poly.pdbx_strand_id   A,B
#
loop_
_chem_comp.id
_chem_comp.type
_chem_comp.name
_chem_comp.formula
0ZL peptide-like N-(ethoxycarbonyl)-L-leucyl-N-[(1R,2S,3S)-1-(cyclohexylmethyl)-2,3-dihydroxy-5-methylhexyl]-L-leucinamide 'C29 H55 N3 O6'
#
# COMPACT_ATOMS: atom_id res chain seq x y z
N ILE A 1 -16.82 -8.90 14.03
CA ILE A 1 -16.99 -8.42 12.66
C ILE A 1 -15.66 -7.68 12.38
N GLY A 2 -14.98 -8.18 11.36
CA GLY A 2 -13.73 -7.61 10.94
C GLY A 2 -14.04 -6.56 9.90
N ASP A 3 -13.25 -5.53 9.95
CA ASP A 3 -13.42 -4.43 9.07
C ASP A 3 -12.13 -4.39 8.31
N GLU A 4 -12.03 -4.75 7.05
CA GLU A 4 -10.76 -4.62 6.39
C GLU A 4 -10.75 -3.65 5.21
N PRO A 5 -10.18 -2.46 5.32
CA PRO A 5 -10.21 -1.45 4.28
C PRO A 5 -9.28 -1.88 3.15
N LEU A 6 -9.61 -1.60 1.89
CA LEU A 6 -8.77 -2.00 0.80
C LEU A 6 -8.36 -0.73 0.10
N GLU A 7 -7.10 -0.61 -0.37
CA GLU A 7 -6.69 0.51 -1.17
C GLU A 7 -7.10 0.28 -2.63
N ASN A 8 -7.90 1.20 -3.16
CA ASN A 8 -8.33 1.13 -4.55
C ASN A 8 -7.21 1.72 -5.39
N TYR A 9 -6.42 0.81 -5.92
CA TYR A 9 -5.37 1.16 -6.85
C TYR A 9 -5.83 1.01 -8.32
N LEU A 10 -6.09 2.17 -8.93
CA LEU A 10 -6.46 2.37 -10.32
C LEU A 10 -7.70 1.61 -10.79
N ASP A 11 -8.62 1.37 -9.86
CA ASP A 11 -9.79 0.54 -10.10
C ASP A 11 -9.50 -0.87 -10.63
N THR A 12 -8.24 -1.31 -10.57
CA THR A 12 -7.80 -2.57 -11.12
C THR A 12 -7.41 -3.47 -9.98
N GLU A 13 -6.93 -2.88 -8.88
CA GLU A 13 -6.44 -3.67 -7.76
C GLU A 13 -6.98 -3.14 -6.47
N TYR A 14 -7.50 -4.01 -5.64
CA TYR A 14 -7.98 -3.59 -4.35
C TYR A 14 -7.30 -4.53 -3.34
N PHE A 15 -6.37 -4.02 -2.53
CA PHE A 15 -5.59 -4.77 -1.55
C PHE A 15 -5.67 -4.24 -0.14
N GLY A 16 -5.49 -5.01 0.90
CA GLY A 16 -5.54 -4.52 2.27
C GLY A 16 -4.29 -5.03 2.97
N THR A 17 -4.16 -4.85 4.26
CA THR A 17 -2.95 -5.18 5.02
C THR A 17 -3.29 -6.18 6.11
N ILE A 18 -2.36 -7.08 6.38
CA ILE A 18 -2.57 -8.08 7.43
C ILE A 18 -1.22 -8.11 8.17
N GLY A 19 -1.29 -8.81 9.29
CA GLY A 19 -0.10 -9.07 10.03
C GLY A 19 0.02 -10.57 10.20
N ILE A 20 1.18 -11.17 9.99
CA ILE A 20 1.35 -12.58 10.29
C ILE A 20 2.44 -12.68 11.34
N GLY A 21 2.14 -13.30 12.47
CA GLY A 21 3.18 -13.58 13.45
C GLY A 21 3.04 -12.84 14.75
N THR A 22 3.76 -13.32 15.74
CA THR A 22 3.96 -12.51 16.93
C THR A 22 5.46 -12.29 16.93
N PRO A 23 5.96 -11.05 16.95
CA PRO A 23 5.16 -9.85 16.72
C PRO A 23 4.80 -9.80 15.23
N ALA A 24 3.73 -9.09 14.87
CA ALA A 24 3.24 -9.20 13.49
C ALA A 24 3.97 -8.46 12.40
N GLN A 25 4.31 -9.18 11.32
CA GLN A 25 4.94 -8.62 10.13
C GLN A 25 3.87 -8.17 9.10
N ASP A 26 4.02 -6.98 8.50
CA ASP A 26 3.04 -6.41 7.57
C ASP A 26 3.16 -7.06 6.21
N PHE A 27 2.01 -7.26 5.54
CA PHE A 27 1.93 -7.74 4.18
C PHE A 27 0.65 -7.16 3.64
N THR A 28 0.66 -6.77 2.37
CA THR A 28 -0.59 -6.42 1.71
C THR A 28 -0.94 -7.54 0.76
N VAL A 29 -2.18 -7.96 0.93
CA VAL A 29 -2.77 -9.08 0.22
C VAL A 29 -3.98 -8.66 -0.59
N ILE A 30 -4.18 -9.28 -1.77
CA ILE A 30 -5.37 -9.13 -2.56
C ILE A 30 -6.40 -10.06 -1.88
N PHE A 31 -7.60 -9.62 -1.50
CA PHE A 31 -8.63 -10.52 -1.03
C PHE A 31 -9.33 -11.13 -2.27
N ASP A 32 -8.97 -12.37 -2.61
CA ASP A 32 -9.50 -12.99 -3.80
C ASP A 32 -10.61 -14.02 -3.60
N THR A 33 -11.89 -13.75 -3.91
CA THR A 33 -12.90 -14.81 -3.77
C THR A 33 -12.79 -15.86 -4.85
N GLY A 34 -11.77 -15.87 -5.70
CA GLY A 34 -11.65 -16.85 -6.77
C GLY A 34 -10.65 -17.93 -6.41
N SER A 35 -10.30 -18.07 -5.14
CA SER A 35 -9.38 -19.11 -4.70
C SER A 35 -9.55 -19.17 -3.19
N SER A 36 -8.85 -20.09 -2.51
CA SER A 36 -9.05 -20.29 -1.08
C SER A 36 -7.78 -20.31 -0.22
N ASN A 37 -6.63 -19.95 -0.77
CA ASN A 37 -5.37 -20.03 -0.04
C ASN A 37 -4.82 -18.69 0.32
N LEU A 38 -4.20 -18.62 1.51
CA LEU A 38 -3.48 -17.43 1.97
C LEU A 38 -2.02 -17.79 1.84
N TRP A 39 -1.27 -16.93 1.15
CA TRP A 39 0.17 -17.10 1.12
C TRP A 39 0.80 -15.73 1.10
N VAL A 40 2.05 -15.67 1.53
CA VAL A 40 2.85 -14.46 1.49
C VAL A 40 4.22 -14.87 0.97
N PRO A 41 5.15 -14.06 0.42
CA PRO A 41 6.55 -14.44 0.23
C PRO A 41 7.23 -14.82 1.53
N SER A 42 8.37 -15.46 1.54
CA SER A 42 9.03 -15.76 2.80
C SER A 42 10.51 -15.71 2.50
N VAL A 43 11.34 -15.84 3.52
CA VAL A 43 12.78 -15.77 3.28
C VAL A 43 13.31 -17.01 2.53
N TYR A 44 12.47 -18.01 2.20
CA TYR A 44 12.89 -19.17 1.41
C TYR A 44 12.83 -18.86 -0.05
N CYS A 45 12.06 -17.85 -0.38
CA CYS A 45 11.89 -17.54 -1.76
C CYS A 45 13.07 -16.76 -2.31
N SER A 46 13.55 -17.37 -3.38
CA SER A 46 14.67 -16.92 -4.20
C SER A 46 14.28 -16.01 -5.38
N SER A 47 13.06 -16.23 -5.91
CA SER A 47 12.54 -15.55 -7.08
C SER A 47 12.56 -14.04 -7.05
N LEU A 48 12.65 -13.48 -8.26
CA LEU A 48 12.69 -12.04 -8.48
C LEU A 48 11.56 -11.33 -7.74
N ALA A 49 10.29 -11.63 -8.02
CA ALA A 49 9.17 -11.06 -7.30
C ALA A 49 9.32 -11.13 -5.78
N CYS A 50 10.04 -12.12 -5.22
CA CYS A 50 10.24 -12.20 -3.79
C CYS A 50 11.27 -11.19 -3.28
N SER A 51 12.25 -10.73 -4.08
CA SER A 51 13.21 -9.76 -3.58
C SER A 51 12.63 -8.38 -3.27
N ASP A 52 11.76 -7.79 -4.09
CA ASP A 52 11.21 -6.47 -3.82
C ASP A 52 9.87 -6.47 -3.10
N HIS A 53 9.57 -7.53 -2.34
CA HIS A 53 8.32 -7.62 -1.62
C HIS A 53 8.72 -8.10 -0.26
N ASN A 54 7.93 -7.73 0.75
CA ASN A 54 8.17 -8.18 2.11
C ASN A 54 8.11 -9.72 2.13
N GLN A 55 8.90 -10.37 2.98
CA GLN A 55 8.97 -11.82 3.03
C GLN A 55 8.73 -12.24 4.47
N PHE A 56 7.83 -13.19 4.75
CA PHE A 56 7.69 -13.73 6.10
C PHE A 56 8.94 -14.50 6.53
N ASN A 57 9.47 -14.07 7.68
CA ASN A 57 10.58 -14.76 8.33
C ASN A 57 10.02 -15.49 9.56
N PRO A 58 9.90 -16.81 9.52
CA PRO A 58 9.51 -17.62 10.65
C PRO A 58 10.37 -17.39 11.89
N ASP A 59 11.67 -17.08 11.72
CA ASP A 59 12.55 -16.93 12.86
C ASP A 59 12.28 -15.75 13.75
N ASP A 60 11.50 -14.78 13.31
CA ASP A 60 11.20 -13.63 14.13
C ASP A 60 9.80 -13.77 14.69
N SER A 61 9.24 -14.98 14.72
CA SER A 61 7.92 -15.13 15.27
C SER A 61 7.99 -16.13 16.38
N SER A 62 7.40 -15.75 17.50
CA SER A 62 7.32 -16.62 18.63
C SER A 62 6.14 -17.57 18.57
N THR A 63 5.17 -17.31 17.69
CA THR A 63 3.99 -18.15 17.50
C THR A 63 3.93 -19.02 16.23
N PHE A 64 5.05 -19.13 15.53
CA PHE A 64 5.10 -19.88 14.30
C PHE A 64 5.18 -21.39 14.54
N GLU A 65 4.44 -22.28 13.87
CA GLU A 65 4.64 -23.72 13.98
C GLU A 65 4.87 -24.16 12.53
N ALA A 66 5.94 -24.90 12.18
CA ALA A 66 6.21 -25.22 10.77
C ALA A 66 5.51 -26.49 10.27
N THR A 67 5.44 -26.83 8.97
CA THR A 67 4.84 -28.09 8.59
C THR A 67 5.75 -28.61 7.50
N SER A 68 5.45 -29.84 7.12
CA SER A 68 6.13 -30.49 6.03
C SER A 68 5.35 -30.29 4.73
N GLN A 69 4.13 -29.75 4.70
CA GLN A 69 3.38 -29.80 3.46
C GLN A 69 3.84 -28.76 2.49
N GLU A 70 3.76 -29.19 1.24
CA GLU A 70 4.14 -28.45 0.04
C GLU A 70 2.86 -27.78 -0.48
N LEU A 71 2.97 -26.72 -1.23
CA LEU A 71 1.84 -25.99 -1.74
C LEU A 71 2.13 -25.59 -3.19
N SER A 72 1.25 -25.67 -4.18
CA SER A 72 1.54 -25.17 -5.52
C SER A 72 0.24 -24.50 -5.96
N ILE A 73 0.18 -23.31 -6.57
CA ILE A 73 -1.12 -22.72 -6.92
C ILE A 73 -0.95 -22.00 -8.22
N THR A 74 -1.64 -22.40 -9.25
CA THR A 74 -1.57 -21.69 -10.51
C THR A 74 -2.80 -20.79 -10.49
N TYR A 75 -2.62 -19.52 -10.88
CA TYR A 75 -3.70 -18.54 -11.02
C TYR A 75 -3.79 -18.19 -12.48
N GLY A 76 -4.82 -17.41 -12.80
CA GLY A 76 -5.06 -16.93 -14.15
C GLY A 76 -3.85 -16.14 -14.59
N THR A 77 -3.45 -15.13 -13.79
CA THR A 77 -2.21 -14.40 -14.01
C THR A 77 -1.19 -14.88 -12.94
N GLY A 78 -0.17 -15.72 -13.14
CA GLY A 78 0.77 -16.03 -12.04
C GLY A 78 0.62 -17.37 -11.32
N SER A 79 1.50 -17.67 -10.36
CA SER A 79 1.52 -18.94 -9.62
C SER A 79 2.50 -18.91 -8.45
N MET A 80 2.52 -19.97 -7.62
CA MET A 80 3.49 -20.11 -6.56
C MET A 80 3.65 -21.58 -6.17
N THR A 81 4.74 -21.91 -5.52
CA THR A 81 4.91 -23.18 -4.84
C THR A 81 5.49 -22.70 -3.53
N GLY A 82 5.23 -23.41 -2.47
CA GLY A 82 5.75 -22.97 -1.19
C GLY A 82 5.61 -24.09 -0.22
N ILE A 83 5.78 -23.74 1.03
CA ILE A 83 5.73 -24.70 2.12
C ILE A 83 4.68 -24.13 3.06
N LEU A 84 3.92 -24.94 3.78
CA LEU A 84 2.88 -24.45 4.65
C LEU A 84 3.37 -24.19 6.08
N GLY A 85 2.77 -23.29 6.85
CA GLY A 85 3.17 -23.05 8.22
C GLY A 85 1.99 -22.47 8.94
N TYR A 86 2.04 -22.42 10.27
CA TYR A 86 0.96 -21.92 11.10
C TYR A 86 1.39 -20.70 11.89
N ASP A 87 0.47 -19.75 12.13
CA ASP A 87 0.75 -18.58 12.92
C ASP A 87 -0.52 -17.76 13.05
N THR A 88 -0.44 -16.67 13.84
CA THR A 88 -1.52 -15.68 14.03
C THR A 88 -1.56 -14.54 13.01
N VAL A 89 -2.60 -14.61 12.17
CA VAL A 89 -2.86 -13.65 11.11
C VAL A 89 -3.83 -12.66 11.74
N GLN A 90 -3.44 -11.40 11.77
CA GLN A 90 -4.35 -10.38 12.25
C GLN A 90 -4.88 -9.80 10.97
N VAL A 91 -6.17 -10.09 10.73
CA VAL A 91 -6.91 -9.66 9.56
C VAL A 91 -8.18 -8.97 10.03
N GLY A 92 -8.36 -7.75 9.53
CA GLY A 92 -9.53 -6.93 9.80
C GLY A 92 -9.83 -6.69 11.26
N GLY A 93 -8.85 -6.69 12.15
CA GLY A 93 -9.10 -6.48 13.56
C GLY A 93 -8.93 -7.79 14.30
N ILE A 94 -9.31 -8.89 13.66
CA ILE A 94 -9.35 -10.19 14.29
C ILE A 94 -7.97 -10.79 14.36
N SER A 95 -7.68 -11.53 15.41
CA SER A 95 -6.41 -12.19 15.52
C SER A 95 -6.83 -13.60 15.28
N ASP A 96 -6.65 -13.96 14.03
CA ASP A 96 -6.91 -15.30 13.60
C ASP A 96 -5.77 -16.19 14.07
N THR A 97 -5.86 -16.66 15.30
CA THR A 97 -4.87 -17.54 15.85
C THR A 97 -4.75 -18.88 15.15
N ASN A 98 -3.51 -19.38 15.13
CA ASN A 98 -3.16 -20.67 14.55
C ASN A 98 -3.84 -20.99 13.20
N GLN A 99 -3.40 -20.24 12.19
CA GLN A 99 -3.92 -20.24 10.86
C GLN A 99 -2.84 -20.75 9.96
N ILE A 100 -3.15 -21.64 9.04
CA ILE A 100 -2.21 -22.23 8.09
C ILE A 100 -2.13 -21.33 6.88
N PHE A 101 -0.94 -21.14 6.31
CA PHE A 101 -0.78 -20.31 5.14
C PHE A 101 0.54 -20.71 4.50
N GLY A 102 0.72 -20.27 3.25
CA GLY A 102 1.86 -20.64 2.44
C GLY A 102 2.93 -19.60 2.49
N LEU A 103 4.12 -20.12 2.76
CA LEU A 103 5.37 -19.37 2.72
C LEU A 103 5.91 -19.71 1.32
N SER A 104 5.95 -18.78 0.34
CA SER A 104 6.36 -19.11 -1.01
C SER A 104 7.84 -19.33 -1.17
N GLU A 105 8.14 -20.05 -2.24
CA GLU A 105 9.50 -20.41 -2.55
C GLU A 105 9.91 -20.03 -3.95
N THR A 106 8.87 -19.89 -4.74
CA THR A 106 9.04 -19.32 -6.06
C THR A 106 7.78 -18.57 -6.41
N GLU A 107 8.04 -17.50 -7.12
CA GLU A 107 7.04 -16.59 -7.62
C GLU A 107 7.62 -16.20 -8.97
N PRO A 108 7.33 -17.05 -9.98
CA PRO A 108 7.90 -16.99 -11.31
C PRO A 108 7.18 -15.93 -12.14
N GLY A 109 7.94 -15.07 -12.82
CA GLY A 109 7.31 -14.06 -13.67
C GLY A 109 7.46 -12.62 -13.15
N SER A 110 7.82 -11.74 -14.09
CA SER A 110 8.09 -10.37 -13.75
C SER A 110 6.83 -9.63 -13.38
N PHE A 111 5.62 -10.05 -13.72
CA PHE A 111 4.50 -9.20 -13.37
C PHE A 111 4.30 -9.12 -11.88
N LEU A 112 4.45 -10.24 -11.18
CA LEU A 112 4.34 -10.24 -9.72
C LEU A 112 5.43 -9.36 -9.11
N TYR A 113 6.55 -9.20 -9.80
CA TYR A 113 7.65 -8.38 -9.36
C TYR A 113 7.22 -6.94 -9.20
N TYR A 114 6.64 -6.49 -10.28
CA TYR A 114 6.12 -5.17 -10.44
C TYR A 114 4.83 -4.98 -9.67
N ALA A 115 4.18 -5.94 -8.98
CA ALA A 115 2.86 -5.65 -8.42
C ALA A 115 2.85 -5.01 -7.06
N PRO A 116 2.03 -3.99 -6.73
CA PRO A 116 2.08 -3.31 -5.44
C PRO A 116 1.60 -4.14 -4.23
N PHE A 117 1.63 -5.47 -4.23
CA PHE A 117 1.15 -6.25 -3.11
C PHE A 117 2.04 -7.48 -3.01
N ASP A 118 2.04 -8.02 -1.80
CA ASP A 118 2.86 -9.14 -1.43
C ASP A 118 2.17 -10.49 -1.61
N GLY A 119 0.94 -10.62 -1.13
CA GLY A 119 0.31 -11.93 -1.18
C GLY A 119 -1.13 -11.89 -1.64
N ILE A 120 -1.82 -13.02 -1.45
CA ILE A 120 -3.23 -13.21 -1.80
C ILE A 120 -3.92 -13.87 -0.59
N LEU A 121 -5.09 -13.39 -0.13
CA LEU A 121 -5.80 -14.12 0.90
C LEU A 121 -7.02 -14.69 0.15
N GLY A 122 -7.07 -15.99 -0.15
CA GLY A 122 -8.20 -16.57 -0.87
C GLY A 122 -9.46 -16.70 0.00
N LEU A 123 -10.64 -16.43 -0.60
CA LEU A 123 -11.95 -16.37 0.09
C LEU A 123 -13.02 -17.28 -0.47
N ALA A 124 -12.67 -18.39 -1.13
CA ALA A 124 -13.67 -19.28 -1.69
C ALA A 124 -13.90 -20.50 -0.78
N TYR A 125 -14.42 -21.62 -1.30
CA TYR A 125 -14.79 -22.77 -0.50
C TYR A 125 -13.60 -23.68 -0.34
N PRO A 126 -13.52 -24.44 0.74
CA PRO A 126 -12.43 -25.38 0.98
C PRO A 126 -12.17 -26.46 -0.06
N SER A 127 -13.17 -26.86 -0.84
CA SER A 127 -13.01 -27.89 -1.86
C SER A 127 -11.86 -27.51 -2.80
N ILE A 128 -11.73 -26.22 -3.15
CA ILE A 128 -10.68 -25.78 -4.04
C ILE A 128 -9.41 -25.33 -3.34
N SER A 129 -9.25 -25.48 -2.01
CA SER A 129 -8.03 -25.00 -1.38
C SER A 129 -6.90 -26.01 -1.60
N ALA A 130 -5.78 -25.48 -2.11
CA ALA A 130 -4.57 -26.25 -2.40
C ALA A 130 -4.04 -26.76 -1.07
N SER A 131 -3.74 -28.06 -1.18
CA SER A 131 -3.35 -28.96 -0.08
C SER A 131 -4.43 -29.14 1.01
N GLY A 132 -5.68 -28.69 0.78
CA GLY A 132 -6.75 -28.75 1.77
C GLY A 132 -6.44 -27.86 2.97
N ALA A 133 -5.74 -26.76 2.65
CA ALA A 133 -5.32 -25.76 3.64
C ALA A 133 -6.57 -25.02 4.11
N THR A 134 -6.82 -24.94 5.40
CA THR A 134 -8.00 -24.21 5.86
C THR A 134 -8.04 -22.75 5.41
N PRO A 135 -9.03 -22.36 4.63
CA PRO A 135 -9.22 -20.97 4.22
C PRO A 135 -9.43 -20.14 5.49
N VAL A 136 -8.99 -18.88 5.52
CA VAL A 136 -9.12 -18.00 6.67
C VAL A 136 -10.57 -17.84 7.16
N PHE A 137 -11.58 -17.61 6.29
CA PHE A 137 -12.93 -17.37 6.80
C PHE A 137 -13.44 -18.56 7.64
N ASP A 138 -13.15 -19.75 7.11
CA ASP A 138 -13.48 -21.00 7.74
C ASP A 138 -12.84 -21.06 9.14
N ASN A 139 -11.51 -20.82 9.24
CA ASN A 139 -10.78 -20.81 10.52
C ASN A 139 -11.31 -19.74 11.48
N LEU A 140 -11.73 -18.56 11.03
CA LEU A 140 -12.36 -17.59 11.89
C LEU A 140 -13.69 -18.15 12.43
N TRP A 141 -14.59 -18.64 11.58
CA TRP A 141 -15.89 -19.17 12.00
C TRP A 141 -15.75 -20.34 12.95
N ASP A 142 -14.84 -21.28 12.69
CA ASP A 142 -14.69 -22.45 13.56
C ASP A 142 -14.29 -22.06 14.96
N GLN A 143 -13.54 -20.98 15.08
CA GLN A 143 -13.11 -20.48 16.35
C GLN A 143 -14.09 -19.43 16.88
N GLY A 144 -15.15 -19.13 16.15
CA GLY A 144 -16.13 -18.19 16.60
C GLY A 144 -15.62 -16.77 16.69
N LEU A 145 -14.73 -16.34 15.79
CA LEU A 145 -14.22 -14.96 15.73
C LEU A 145 -15.07 -13.99 14.91
N VAL A 146 -16.10 -14.54 14.24
CA VAL A 146 -17.10 -13.77 13.47
C VAL A 146 -18.45 -14.34 13.88
N SER A 147 -19.40 -13.43 13.89
CA SER A 147 -20.76 -13.69 14.31
C SER A 147 -21.62 -14.46 13.31
N GLN A 148 -21.53 -13.98 12.08
CA GLN A 148 -22.31 -14.50 11.01
C GLN A 148 -21.35 -15.20 10.05
N ASP A 149 -21.80 -16.29 9.41
CA ASP A 149 -21.01 -17.07 8.47
C ASP A 149 -21.01 -16.49 7.02
N LEU A 150 -20.79 -15.19 6.89
CA LEU A 150 -20.88 -14.48 5.63
C LEU A 150 -19.87 -13.34 5.56
N PHE A 151 -19.53 -12.79 4.42
CA PHE A 151 -18.67 -11.62 4.40
C PHE A 151 -19.23 -10.75 3.30
N SER A 152 -18.93 -9.45 3.25
CA SER A 152 -19.49 -8.62 2.21
C SER A 152 -18.41 -7.76 1.59
N VAL A 153 -18.49 -7.40 0.32
CA VAL A 153 -17.46 -6.56 -0.27
C VAL A 153 -18.14 -5.35 -0.85
N TYR A 154 -17.51 -4.21 -0.68
CA TYR A 154 -17.95 -2.99 -1.31
C TYR A 154 -16.68 -2.55 -2.02
N LEU A 155 -16.74 -2.25 -3.32
CA LEU A 155 -15.56 -1.84 -4.02
C LEU A 155 -15.89 -0.48 -4.60
N SER A 156 -15.16 0.55 -4.15
CA SER A 156 -15.38 1.89 -4.63
C SER A 156 -14.98 2.04 -6.10
N SER A 157 -15.58 2.99 -6.81
CA SER A 157 -15.25 3.25 -8.20
C SER A 157 -14.41 4.50 -8.19
N ASN A 158 -13.69 4.82 -9.26
CA ASN A 158 -12.94 6.07 -9.38
C ASN A 158 -11.75 6.35 -8.45
N ASP A 159 -11.01 5.32 -7.98
CA ASP A 159 -9.84 5.44 -7.15
C ASP A 159 -10.25 6.14 -5.89
N ASP A 160 -11.50 6.01 -5.46
CA ASP A 160 -11.89 6.70 -4.26
C ASP A 160 -11.48 5.84 -3.09
N SER A 161 -11.28 6.42 -1.91
CA SER A 161 -11.18 5.68 -0.65
C SER A 161 -12.45 4.81 -0.26
N GLY A 162 -12.46 3.93 0.73
CA GLY A 162 -13.71 3.35 1.17
C GLY A 162 -14.00 1.95 0.70
N SER A 163 -13.24 1.31 -0.23
CA SER A 163 -13.48 -0.06 -0.54
C SER A 163 -13.22 -0.86 0.77
N VAL A 164 -13.98 -1.92 1.09
CA VAL A 164 -13.91 -2.59 2.38
C VAL A 164 -14.45 -4.01 2.21
N VAL A 165 -13.91 -4.93 3.02
CA VAL A 165 -14.35 -6.32 3.13
C VAL A 165 -14.87 -6.35 4.55
N LEU A 166 -16.05 -6.69 4.76
CA LEU A 166 -16.66 -6.74 6.08
C LEU A 166 -16.84 -8.23 6.45
N LEU A 167 -16.03 -8.71 7.37
CA LEU A 167 -15.99 -10.11 7.79
C LEU A 167 -16.99 -10.39 8.88
N GLY A 168 -17.99 -11.18 8.51
CA GLY A 168 -19.03 -11.64 9.42
C GLY A 168 -20.17 -10.67 9.59
N GLY A 169 -20.49 -9.85 8.56
CA GLY A 169 -21.61 -8.92 8.64
C GLY A 169 -21.89 -8.23 7.33
N ILE A 170 -23.12 -7.77 7.14
CA ILE A 170 -23.53 -7.04 5.96
C ILE A 170 -23.74 -5.60 6.50
N ASP A 171 -23.50 -4.56 5.68
CA ASP A 171 -23.71 -3.16 6.04
C ASP A 171 -24.62 -2.55 5.02
N SER A 172 -25.83 -2.41 5.53
CA SER A 172 -26.97 -1.83 4.84
C SER A 172 -26.67 -0.53 4.09
N SER A 173 -25.93 0.42 4.70
CA SER A 173 -25.59 1.73 4.13
C SER A 173 -24.85 1.76 2.82
N TYR A 174 -24.33 0.65 2.30
CA TYR A 174 -23.59 0.68 1.07
C TYR A 174 -24.42 0.34 -0.16
N TYR A 175 -25.66 -0.11 0.07
CA TYR A 175 -26.50 -0.43 -1.05
C TYR A 175 -27.84 0.26 -1.01
N THR A 176 -28.46 0.24 -2.18
CA THR A 176 -29.77 0.77 -2.44
C THR A 176 -30.70 -0.43 -2.44
N GLY A 177 -31.79 -0.32 -1.66
CA GLY A 177 -32.85 -1.32 -1.70
C GLY A 177 -32.60 -2.53 -0.84
N SER A 178 -32.98 -3.73 -1.27
CA SER A 178 -32.78 -4.87 -0.39
C SER A 178 -32.11 -5.98 -1.20
N LEU A 179 -31.37 -6.83 -0.50
CA LEU A 179 -30.61 -7.89 -1.16
C LEU A 179 -31.45 -8.95 -1.84
N ASN A 180 -30.95 -9.31 -3.02
CA ASN A 180 -31.53 -10.35 -3.85
C ASN A 180 -30.55 -11.48 -3.65
N TRP A 181 -31.05 -12.63 -3.20
CA TRP A 181 -30.19 -13.75 -2.91
C TRP A 181 -30.14 -14.79 -4.00
N VAL A 182 -29.01 -14.96 -4.66
CA VAL A 182 -28.80 -15.96 -5.70
C VAL A 182 -28.22 -17.19 -4.99
N PRO A 183 -28.72 -18.39 -5.15
CA PRO A 183 -27.99 -19.60 -4.77
C PRO A 183 -26.67 -19.87 -5.50
N VAL A 184 -25.60 -20.28 -4.81
CA VAL A 184 -24.38 -20.76 -5.48
C VAL A 184 -24.74 -22.00 -6.36
N SER A 185 -24.37 -22.26 -7.63
CA SER A 185 -24.80 -23.45 -8.36
C SER A 185 -24.01 -24.71 -7.99
N VAL A 186 -22.70 -24.54 -8.17
CA VAL A 186 -21.68 -25.52 -7.82
C VAL A 186 -20.83 -24.75 -6.81
N GLU A 187 -20.47 -25.42 -5.74
CA GLU A 187 -19.68 -24.84 -4.67
C GLU A 187 -18.19 -25.10 -4.74
N GLY A 188 -17.46 -24.10 -5.11
CA GLY A 188 -16.02 -24.17 -5.17
C GLY A 188 -15.60 -22.74 -5.10
N TYR A 189 -15.89 -22.14 -6.24
CA TYR A 189 -15.81 -20.72 -6.38
C TYR A 189 -17.22 -20.28 -5.93
N TRP A 190 -17.46 -18.97 -5.96
CA TRP A 190 -18.76 -18.43 -5.68
C TRP A 190 -19.34 -18.41 -7.08
N GLN A 191 -19.80 -19.60 -7.46
CA GLN A 191 -20.33 -19.94 -8.78
C GLN A 191 -21.82 -19.79 -8.80
N ILE A 192 -22.36 -19.04 -9.76
CA ILE A 192 -23.80 -18.89 -9.90
C ILE A 192 -24.24 -19.08 -11.39
N THR A 193 -25.55 -19.26 -11.68
CA THR A 193 -26.05 -19.42 -13.04
C THR A 193 -26.57 -18.04 -13.48
N LEU A 194 -25.93 -17.68 -14.59
CA LEU A 194 -26.16 -16.46 -15.35
C LEU A 194 -27.17 -16.88 -16.42
N ASP A 195 -28.43 -16.46 -16.36
CA ASP A 195 -29.41 -16.78 -17.36
C ASP A 195 -29.19 -16.21 -18.78
N SER A 196 -28.77 -14.94 -18.95
CA SER A 196 -28.49 -14.38 -20.27
C SER A 196 -27.81 -13.03 -20.19
N ILE A 197 -27.11 -12.63 -21.25
CA ILE A 197 -26.53 -11.29 -21.39
C ILE A 197 -27.22 -10.71 -22.63
N THR A 198 -28.15 -9.77 -22.42
CA THR A 198 -28.86 -9.14 -23.50
C THR A 198 -28.32 -7.73 -23.66
N MET A 199 -28.77 -7.01 -24.66
CA MET A 199 -28.39 -5.61 -24.88
C MET A 199 -29.48 -5.09 -25.79
N ASP A 200 -30.33 -4.17 -25.29
CA ASP A 200 -31.47 -3.66 -26.06
C ASP A 200 -32.35 -4.83 -26.53
N GLY A 201 -33.00 -5.53 -25.59
CA GLY A 201 -33.88 -6.63 -25.95
C GLY A 201 -33.20 -7.90 -26.45
N GLU A 202 -32.06 -7.86 -27.18
CA GLU A 202 -31.47 -9.07 -27.77
C GLU A 202 -30.39 -9.77 -26.96
N THR A 203 -30.45 -11.09 -26.86
CA THR A 203 -29.42 -11.90 -26.22
C THR A 203 -28.11 -11.72 -26.97
N ILE A 204 -27.10 -10.99 -26.46
CA ILE A 204 -25.84 -10.88 -27.18
C ILE A 204 -24.90 -12.00 -26.85
N ALA A 205 -25.21 -12.67 -25.76
CA ALA A 205 -24.37 -13.74 -25.26
C ALA A 205 -25.13 -14.57 -24.23
N CYS A 206 -24.63 -15.82 -24.17
CA CYS A 206 -24.97 -16.85 -23.19
C CYS A 206 -26.48 -17.08 -23.07
N SER A 207 -26.96 -17.72 -24.12
CA SER A 207 -28.36 -17.97 -24.23
C SER A 207 -28.56 -19.32 -23.57
N GLY A 208 -29.52 -19.33 -22.66
CA GLY A 208 -29.92 -20.53 -21.99
C GLY A 208 -28.96 -20.87 -20.85
N GLY A 209 -28.47 -19.79 -20.25
CA GLY A 209 -27.57 -19.85 -19.12
C GLY A 209 -26.15 -20.13 -19.55
N CYS A 210 -25.35 -19.72 -18.59
CA CYS A 210 -23.95 -20.04 -18.53
C CYS A 210 -23.51 -19.83 -17.10
N GLN A 211 -22.39 -20.47 -16.77
CA GLN A 211 -21.81 -20.44 -15.45
C GLN A 211 -20.91 -19.25 -15.31
N ALA A 212 -21.09 -18.56 -14.21
CA ALA A 212 -20.31 -17.39 -13.81
C ALA A 212 -19.73 -17.46 -12.40
N ILE A 213 -18.62 -16.78 -12.09
CA ILE A 213 -18.24 -16.68 -10.69
C ILE A 213 -18.12 -15.20 -10.31
N VAL A 214 -18.35 -14.81 -9.07
CA VAL A 214 -18.17 -13.44 -8.64
C VAL A 214 -16.74 -13.51 -8.09
N ASP A 215 -15.81 -12.79 -8.72
CA ASP A 215 -14.43 -12.89 -8.32
C ASP A 215 -13.73 -11.54 -8.18
N THR A 216 -13.65 -11.14 -6.90
CA THR A 216 -12.98 -9.92 -6.51
C THR A 216 -11.52 -9.82 -6.99
N GLY A 217 -10.76 -10.91 -7.16
CA GLY A 217 -9.39 -10.82 -7.60
C GLY A 217 -9.28 -10.81 -9.11
N THR A 218 -10.37 -10.55 -9.86
CA THR A 218 -10.33 -10.39 -11.31
C THR A 218 -10.84 -8.97 -11.60
N SER A 219 -9.98 -8.19 -12.27
CA SER A 219 -10.21 -6.78 -12.50
C SER A 219 -11.33 -6.54 -13.46
N LEU A 220 -11.34 -7.23 -14.58
CA LEU A 220 -12.32 -6.95 -15.61
C LEU A 220 -13.49 -7.94 -15.60
N LEU A 221 -14.49 -7.80 -16.47
CA LEU A 221 -15.57 -8.78 -16.59
C LEU A 221 -14.98 -9.70 -17.64
N THR A 222 -14.79 -10.98 -17.32
CA THR A 222 -14.22 -11.94 -18.24
C THR A 222 -15.25 -12.93 -18.75
N GLY A 223 -15.01 -13.52 -19.92
CA GLY A 223 -15.91 -14.49 -20.47
C GLY A 223 -15.16 -15.16 -21.59
N PRO A 224 -15.70 -16.27 -22.16
CA PRO A 224 -15.08 -17.06 -23.23
C PRO A 224 -14.76 -16.21 -24.44
N THR A 225 -13.56 -16.38 -24.97
CA THR A 225 -13.00 -15.54 -26.02
C THR A 225 -14.01 -15.17 -27.11
N SER A 226 -14.54 -16.20 -27.78
CA SER A 226 -15.54 -16.02 -28.80
C SER A 226 -16.78 -15.24 -28.38
N ALA A 227 -17.25 -15.35 -27.16
CA ALA A 227 -18.44 -14.60 -26.79
C ALA A 227 -18.12 -13.12 -26.61
N ILE A 228 -17.05 -12.87 -25.82
CA ILE A 228 -16.57 -11.52 -25.47
C ILE A 228 -16.23 -10.76 -26.74
N ALA A 229 -15.67 -11.47 -27.72
CA ALA A 229 -15.32 -10.94 -29.03
C ALA A 229 -16.49 -10.23 -29.65
N ASN A 230 -17.65 -10.85 -29.61
CA ASN A 230 -18.85 -10.22 -30.13
C ASN A 230 -19.21 -9.03 -29.30
N ILE A 231 -19.14 -9.10 -27.97
CA ILE A 231 -19.49 -7.93 -27.18
C ILE A 231 -18.56 -6.73 -27.51
N GLN A 232 -17.26 -6.96 -27.66
CA GLN A 232 -16.28 -5.91 -27.95
C GLN A 232 -16.67 -5.20 -29.22
N SER A 233 -17.11 -6.00 -30.21
CA SER A 233 -17.57 -5.45 -31.47
C SER A 233 -18.80 -4.60 -31.20
N ASP A 234 -19.78 -5.14 -30.47
CA ASP A 234 -21.04 -4.46 -30.27
C ASP A 234 -20.93 -3.18 -29.47
N ILE A 235 -19.79 -3.00 -28.76
CA ILE A 235 -19.54 -1.74 -28.07
C ILE A 235 -18.50 -0.88 -28.80
N GLY A 236 -17.66 -1.43 -29.69
CA GLY A 236 -16.68 -0.63 -30.44
C GLY A 236 -15.20 -0.67 -29.99
N ALA A 237 -14.80 -1.42 -28.94
CA ALA A 237 -13.42 -1.41 -28.47
C ALA A 237 -12.48 -2.16 -29.41
N SER A 238 -11.27 -1.66 -29.71
CA SER A 238 -10.34 -2.34 -30.60
C SER A 238 -8.92 -2.38 -30.02
N GLU A 239 -8.13 -3.44 -30.30
CA GLU A 239 -6.78 -3.57 -29.71
C GLU A 239 -5.81 -2.59 -30.34
N ASN A 240 -4.95 -2.26 -29.39
CA ASN A 240 -3.82 -1.41 -29.60
C ASN A 240 -2.64 -2.36 -29.34
N SER A 241 -2.11 -2.58 -28.12
CA SER A 241 -0.93 -3.43 -27.94
C SER A 241 -1.02 -4.04 -26.55
N ASP A 242 -0.81 -5.37 -26.41
CA ASP A 242 -1.01 -6.16 -25.18
C ASP A 242 -2.35 -5.72 -24.58
N GLY A 243 -3.27 -6.10 -25.45
CA GLY A 243 -4.66 -5.75 -25.25
C GLY A 243 -4.74 -4.30 -25.65
N GLU A 244 -5.08 -3.52 -24.61
CA GLU A 244 -5.47 -2.13 -24.74
C GLU A 244 -6.48 -2.15 -25.90
N MET A 245 -7.58 -2.79 -25.54
CA MET A 245 -8.76 -2.88 -26.37
C MET A 245 -9.42 -1.61 -25.89
N VAL A 246 -9.05 -0.65 -26.69
CA VAL A 246 -9.31 0.74 -26.41
C VAL A 246 -10.55 1.27 -27.10
N ILE A 247 -11.20 2.23 -26.45
CA ILE A 247 -12.37 2.82 -27.04
C ILE A 247 -12.22 4.33 -26.96
N SER A 248 -12.85 4.97 -27.96
CA SER A 248 -12.94 6.40 -28.09
C SER A 248 -13.79 6.77 -26.88
N CYS A 249 -13.35 7.69 -26.01
CA CYS A 249 -14.17 8.04 -24.85
C CYS A 249 -15.48 8.73 -25.22
N SER A 250 -15.57 9.29 -26.44
CA SER A 250 -16.77 9.95 -26.98
C SER A 250 -18.01 9.04 -27.00
N SER A 251 -17.75 7.74 -27.18
CA SER A 251 -18.78 6.74 -27.26
C SER A 251 -19.52 6.49 -25.95
N ILE A 252 -19.01 6.89 -24.76
CA ILE A 252 -19.70 6.63 -23.50
C ILE A 252 -21.13 7.14 -23.56
N ASP A 253 -21.52 8.16 -24.33
CA ASP A 253 -22.91 8.59 -24.29
C ASP A 253 -23.80 8.08 -25.41
N SER A 254 -23.33 7.11 -26.17
CA SER A 254 -24.16 6.54 -27.20
C SER A 254 -24.59 5.14 -26.77
N LEU A 255 -23.64 4.51 -26.08
CA LEU A 255 -23.75 3.13 -25.74
C LEU A 255 -24.77 2.86 -24.65
N PRO A 256 -25.32 1.63 -24.70
CA PRO A 256 -26.41 1.15 -23.86
C PRO A 256 -26.00 0.17 -22.77
N ASP A 257 -26.98 -0.11 -21.92
CA ASP A 257 -26.76 -1.09 -20.91
C ASP A 257 -26.70 -2.47 -21.53
N ILE A 258 -25.66 -3.16 -21.11
CA ILE A 258 -25.51 -4.59 -21.35
C ILE A 258 -26.21 -5.13 -20.09
N VAL A 259 -26.94 -6.23 -20.14
CA VAL A 259 -27.70 -6.63 -18.97
C VAL A 259 -27.46 -8.10 -18.71
N PHE A 260 -27.21 -8.37 -17.43
CA PHE A 260 -26.96 -9.69 -16.90
C PHE A 260 -28.16 -10.07 -16.06
N THR A 261 -28.96 -11.02 -16.49
CA THR A 261 -30.07 -11.52 -15.70
C THR A 261 -29.52 -12.69 -14.95
N ILE A 262 -29.65 -12.56 -13.66
CA ILE A 262 -29.19 -13.55 -12.71
C ILE A 262 -30.45 -13.90 -11.93
N ASN A 263 -30.81 -15.17 -11.91
CA ASN A 263 -32.01 -15.72 -11.24
C ASN A 263 -33.21 -14.78 -11.50
N GLY A 264 -33.46 -14.52 -12.80
CA GLY A 264 -34.63 -13.81 -13.24
C GLY A 264 -34.55 -12.31 -13.05
N VAL A 265 -33.61 -11.74 -12.29
CA VAL A 265 -33.54 -10.32 -12.08
C VAL A 265 -32.48 -9.88 -13.05
N GLN A 266 -32.65 -8.66 -13.57
CA GLN A 266 -31.74 -8.00 -14.52
C GLN A 266 -30.81 -7.12 -13.70
N TYR A 267 -29.53 -7.17 -14.05
CA TYR A 267 -28.46 -6.38 -13.44
C TYR A 267 -27.81 -5.73 -14.66
N PRO A 268 -28.20 -4.51 -14.97
CA PRO A 268 -27.62 -3.72 -16.04
C PRO A 268 -26.26 -3.18 -15.68
N LEU A 269 -25.50 -2.88 -16.74
CA LEU A 269 -24.21 -2.22 -16.63
C LEU A 269 -24.13 -1.00 -17.55
N SER A 270 -24.06 0.22 -17.03
CA SER A 270 -23.98 1.41 -17.87
C SER A 270 -22.64 1.47 -18.58
N PRO A 271 -22.44 2.22 -19.68
CA PRO A 271 -21.15 2.46 -20.34
C PRO A 271 -20.09 2.92 -19.36
N SER A 272 -20.58 3.77 -18.48
CA SER A 272 -19.77 4.30 -17.42
C SER A 272 -19.16 3.19 -16.53
N ALA A 273 -19.76 1.99 -16.54
CA ALA A 273 -19.27 0.95 -15.69
C ALA A 273 -18.56 -0.07 -16.52
N TYR A 274 -18.74 -0.12 -17.84
CA TYR A 274 -18.09 -1.22 -18.52
C TYR A 274 -16.97 -0.74 -19.40
N ILE A 275 -16.77 0.56 -19.55
CA ILE A 275 -15.62 1.12 -20.25
C ILE A 275 -14.76 1.76 -19.14
N LEU A 276 -13.49 1.36 -19.01
CA LEU A 276 -12.60 1.89 -18.02
C LEU A 276 -11.95 3.18 -18.47
N GLN A 277 -11.90 4.24 -17.69
CA GLN A 277 -11.28 5.46 -18.14
C GLN A 277 -10.27 6.00 -17.16
N ASP A 278 -8.97 5.75 -17.35
CA ASP A 278 -7.97 6.41 -16.55
C ASP A 278 -7.68 7.70 -17.29
N ASP A 279 -7.60 8.81 -16.54
CA ASP A 279 -7.12 10.06 -17.09
C ASP A 279 -8.12 10.48 -18.19
N ASP A 280 -7.73 10.46 -19.46
CA ASP A 280 -8.56 10.84 -20.61
C ASP A 280 -8.61 9.68 -21.62
N SER A 281 -8.29 8.48 -21.12
CA SER A 281 -8.18 7.25 -21.90
C SER A 281 -9.24 6.26 -21.47
N CYS A 282 -10.02 5.72 -22.41
CA CYS A 282 -11.04 4.75 -22.10
C CYS A 282 -10.68 3.50 -22.87
N THR A 283 -10.65 2.41 -22.11
CA THR A 283 -10.42 1.05 -22.57
C THR A 283 -11.65 0.26 -22.13
N SER A 284 -11.79 -0.94 -22.65
CA SER A 284 -12.96 -1.77 -22.46
C SER A 284 -12.84 -2.64 -21.23
N GLY A 285 -13.95 -2.75 -20.52
CA GLY A 285 -13.99 -3.58 -19.32
C GLY A 285 -14.06 -5.06 -19.63
N PHE A 286 -14.21 -5.57 -20.85
CA PHE A 286 -14.33 -7.01 -21.08
C PHE A 286 -12.98 -7.57 -21.52
N GLU A 287 -12.71 -8.79 -21.07
CA GLU A 287 -11.46 -9.43 -21.36
C GLU A 287 -11.79 -10.84 -21.78
N GLY A 288 -11.12 -11.43 -22.77
CA GLY A 288 -11.55 -12.73 -23.25
C GLY A 288 -10.83 -13.93 -22.67
N MET A 289 -11.32 -14.68 -21.71
CA MET A 289 -10.52 -15.78 -21.23
C MET A 289 -11.39 -16.99 -21.15
N ASP A 290 -10.89 -18.06 -21.74
CA ASP A 290 -11.57 -19.32 -21.70
C ASP A 290 -11.06 -20.00 -20.45
N VAL A 291 -11.97 -20.23 -19.50
CA VAL A 291 -11.66 -20.82 -18.21
C VAL A 291 -12.46 -22.11 -18.10
N PRO A 292 -12.06 -23.19 -18.79
CA PRO A 292 -12.64 -24.53 -18.66
C PRO A 292 -12.73 -25.07 -17.23
N THR A 293 -13.90 -25.58 -16.82
CA THR A 293 -14.17 -26.17 -15.51
C THR A 293 -14.98 -27.45 -15.78
N SER A 294 -15.20 -28.42 -14.87
CA SER A 294 -16.11 -29.55 -15.11
C SER A 294 -17.57 -29.13 -15.19
N SER A 295 -17.88 -27.87 -14.87
CA SER A 295 -19.20 -27.32 -15.06
C SER A 295 -19.19 -26.20 -16.08
N GLY A 296 -18.46 -26.40 -17.18
CA GLY A 296 -18.45 -25.48 -18.30
C GLY A 296 -17.45 -24.36 -18.23
N GLU A 297 -17.44 -23.62 -19.33
CA GLU A 297 -16.56 -22.47 -19.53
C GLU A 297 -17.01 -21.32 -18.62
N LEU A 298 -16.19 -20.83 -17.70
CA LEU A 298 -16.68 -19.85 -16.77
C LEU A 298 -16.63 -18.38 -17.22
N TRP A 299 -17.66 -17.64 -16.87
CA TRP A 299 -17.79 -16.22 -17.06
C TRP A 299 -17.33 -15.62 -15.73
N ILE A 300 -16.47 -14.61 -15.65
CA ILE A 300 -16.04 -14.14 -14.35
C ILE A 300 -16.57 -12.75 -14.22
N LEU A 301 -17.38 -12.57 -13.21
CA LEU A 301 -17.92 -11.27 -12.84
C LEU A 301 -16.93 -10.64 -11.85
N GLY A 302 -15.98 -9.88 -12.39
CA GLY A 302 -14.96 -9.29 -11.58
C GLY A 302 -15.39 -7.94 -11.07
N ASP A 303 -14.35 -7.16 -10.76
CA ASP A 303 -14.37 -5.82 -10.23
C ASP A 303 -15.25 -4.88 -10.95
N VAL A 304 -15.27 -4.93 -12.29
CA VAL A 304 -16.18 -4.14 -13.13
C VAL A 304 -17.65 -4.29 -12.71
N PHE A 305 -18.03 -5.52 -12.39
CA PHE A 305 -19.39 -5.79 -11.96
C PHE A 305 -19.51 -5.39 -10.50
N ILE A 306 -18.62 -5.87 -9.63
CA ILE A 306 -18.75 -5.69 -8.19
C ILE A 306 -18.72 -4.24 -7.72
N ARG A 307 -18.08 -3.34 -8.49
CA ARG A 307 -18.13 -1.93 -8.16
C ARG A 307 -19.55 -1.42 -8.24
N GLN A 308 -20.45 -1.97 -9.07
CA GLN A 308 -21.82 -1.47 -9.09
C GLN A 308 -22.74 -2.20 -8.12
N TYR A 309 -22.39 -3.42 -7.67
CA TYR A 309 -23.23 -4.22 -6.77
C TYR A 309 -22.51 -4.71 -5.51
N TYR A 310 -23.07 -4.30 -4.37
CA TYR A 310 -22.58 -4.68 -3.07
C TYR A 310 -22.83 -6.19 -2.95
N THR A 311 -21.85 -7.01 -2.60
CA THR A 311 -22.00 -8.45 -2.65
C THR A 311 -21.78 -9.09 -1.29
N VAL A 312 -22.72 -9.92 -0.89
CA VAL A 312 -22.63 -10.69 0.34
C VAL A 312 -22.41 -12.12 -0.12
N PHE A 313 -21.41 -12.75 0.40
CA PHE A 313 -21.12 -14.09 0.03
C PHE A 313 -21.45 -14.74 1.35
N ASP A 314 -22.55 -15.47 1.37
CA ASP A 314 -23.01 -16.14 2.56
C ASP A 314 -22.82 -17.68 2.52
N ARG A 315 -21.89 -18.11 3.36
CA ARG A 315 -21.55 -19.52 3.55
C ARG A 315 -22.55 -20.29 4.40
N ALA A 316 -23.37 -19.63 5.22
CA ALA A 316 -24.37 -20.29 6.09
C ALA A 316 -25.42 -21.05 5.28
N ASN A 317 -25.75 -20.45 4.13
CA ASN A 317 -26.72 -21.05 3.27
C ASN A 317 -26.28 -21.11 1.81
N ASN A 318 -24.99 -21.08 1.48
CA ASN A 318 -24.54 -21.19 0.10
C ASN A 318 -25.21 -20.27 -0.91
N LYS A 319 -25.15 -18.97 -0.64
CA LYS A 319 -25.84 -18.00 -1.46
C LYS A 319 -25.16 -16.64 -1.48
N VAL A 320 -25.31 -15.98 -2.61
CA VAL A 320 -24.73 -14.67 -2.90
C VAL A 320 -25.87 -13.68 -2.84
N GLY A 321 -25.65 -12.49 -2.30
CA GLY A 321 -26.70 -11.50 -2.15
C GLY A 321 -26.25 -10.28 -2.91
N LEU A 322 -26.98 -9.77 -3.92
CA LEU A 322 -26.56 -8.60 -4.67
C LEU A 322 -27.57 -7.49 -4.46
N ALA A 323 -27.15 -6.24 -4.50
CA ALA A 323 -28.03 -5.06 -4.42
C ALA A 323 -27.17 -3.88 -4.92
N PRO A 324 -27.71 -2.82 -5.57
CA PRO A 324 -26.92 -1.78 -6.21
C PRO A 324 -26.21 -0.91 -5.19
N VAL A 325 -25.01 -0.45 -5.49
CA VAL A 325 -24.36 0.44 -4.55
C VAL A 325 -25.17 1.74 -4.38
N ALA A 326 -25.25 2.19 -3.14
CA ALA A 326 -25.89 3.46 -2.83
C ALA A 326 -24.76 4.47 -2.72
N ILE B 1 -5.85 14.81 18.04
CA ILE B 1 -4.65 14.05 17.74
C ILE B 1 -5.08 13.06 16.65
N GLY B 2 -4.28 12.91 15.60
CA GLY B 2 -4.57 12.00 14.52
C GLY B 2 -3.55 10.90 14.61
N ASP B 3 -3.95 9.73 14.18
CA ASP B 3 -3.09 8.57 14.23
C ASP B 3 -2.97 8.25 12.75
N GLU B 4 -1.80 8.30 12.15
CA GLU B 4 -1.66 7.92 10.77
C GLU B 4 -0.81 6.65 10.76
N PRO B 5 -1.44 5.47 10.59
CA PRO B 5 -0.78 4.19 10.40
C PRO B 5 0.17 4.17 9.19
N LEU B 6 1.30 3.48 9.30
CA LEU B 6 2.28 3.44 8.23
C LEU B 6 2.65 2.00 8.00
N GLU B 7 2.80 1.71 6.71
CA GLU B 7 3.17 0.44 6.15
C GLU B 7 4.68 0.40 6.06
N ASN B 8 5.30 -0.62 6.62
CA ASN B 8 6.74 -0.70 6.62
C ASN B 8 7.09 -1.64 5.54
N TYR B 9 7.64 -1.12 4.44
CA TYR B 9 8.06 -1.93 3.32
C TYR B 9 9.57 -2.13 3.37
N LEU B 10 10.03 -3.35 3.55
CA LEU B 10 11.45 -3.71 3.59
C LEU B 10 12.33 -2.88 4.51
N ASP B 11 11.77 -2.22 5.56
CA ASP B 11 12.45 -1.27 6.45
C ASP B 11 13.08 -0.09 5.68
N THR B 12 12.57 0.18 4.49
CA THR B 12 13.16 1.18 3.67
C THR B 12 12.17 2.29 3.43
N GLU B 13 10.86 2.05 3.34
CA GLU B 13 9.93 3.12 3.03
C GLU B 13 8.71 2.87 3.84
N TYR B 14 8.31 3.87 4.56
CA TYR B 14 7.15 3.76 5.42
C TYR B 14 6.19 4.71 4.74
N PHE B 15 4.96 4.27 4.43
CA PHE B 15 4.02 5.14 3.76
C PHE B 15 2.64 4.90 4.32
N GLY B 16 1.78 5.89 4.26
CA GLY B 16 0.40 5.75 4.71
C GLY B 16 -0.59 6.25 3.66
N THR B 17 -1.87 6.21 4.00
CA THR B 17 -2.94 6.55 3.10
C THR B 17 -3.61 7.87 3.43
N ILE B 18 -4.01 8.65 2.44
CA ILE B 18 -4.71 9.91 2.66
C ILE B 18 -5.78 9.91 1.57
N GLY B 19 -6.76 10.78 1.74
CA GLY B 19 -7.79 10.96 0.74
C GLY B 19 -7.73 12.41 0.40
N ILE B 20 -7.94 12.81 -0.84
CA ILE B 20 -7.97 14.23 -1.20
C ILE B 20 -9.26 14.42 -1.99
N GLY B 21 -10.16 15.31 -1.57
CA GLY B 21 -11.29 15.69 -2.41
C GLY B 21 -12.64 15.32 -1.89
N THR B 22 -13.67 15.66 -2.66
CA THR B 22 -15.03 15.28 -2.28
C THR B 22 -15.79 14.73 -3.49
N PRO B 23 -16.12 13.44 -3.61
CA PRO B 23 -15.67 12.42 -2.69
C PRO B 23 -14.14 12.17 -2.78
N ALA B 24 -13.61 11.55 -1.71
CA ALA B 24 -12.18 11.40 -1.54
C ALA B 24 -11.53 10.34 -2.38
N GLN B 25 -10.50 10.77 -3.12
CA GLN B 25 -9.69 9.90 -3.96
C GLN B 25 -8.56 9.45 -3.06
N ASP B 26 -8.13 8.20 -3.06
CA ASP B 26 -7.13 7.78 -2.10
C ASP B 26 -5.79 7.65 -2.76
N PHE B 27 -4.77 7.98 -1.98
CA PHE B 27 -3.40 8.01 -2.42
C PHE B 27 -2.53 7.50 -1.27
N THR B 28 -1.41 6.83 -1.51
CA THR B 28 -0.50 6.55 -0.42
C THR B 28 0.64 7.55 -0.60
N VAL B 29 1.13 8.10 0.51
CA VAL B 29 2.19 9.08 0.51
C VAL B 29 3.33 8.77 1.49
N ILE B 30 4.55 9.24 1.21
CA ILE B 30 5.65 9.17 2.16
C ILE B 30 5.42 10.37 3.07
N PHE B 31 5.67 10.26 4.37
CA PHE B 31 5.53 11.31 5.35
C PHE B 31 6.95 11.84 5.62
N ASP B 32 7.33 12.91 4.90
CA ASP B 32 8.69 13.37 4.87
C ASP B 32 9.03 14.54 5.75
N THR B 33 9.91 14.42 6.74
CA THR B 33 10.35 15.57 7.49
C THR B 33 11.51 16.27 6.77
N GLY B 34 12.01 15.80 5.62
CA GLY B 34 13.00 16.56 4.89
C GLY B 34 12.39 17.58 3.93
N SER B 35 11.06 17.78 3.89
CA SER B 35 10.42 18.66 2.94
C SER B 35 9.14 19.15 3.59
N SER B 36 8.51 20.14 2.96
CA SER B 36 7.33 20.82 3.46
C SER B 36 6.09 20.78 2.57
N ASN B 37 6.16 20.12 1.40
CA ASN B 37 5.08 20.16 0.41
C ASN B 37 4.34 18.84 0.30
N LEU B 38 3.00 18.93 0.15
CA LEU B 38 2.18 17.76 -0.16
C LEU B 38 1.89 17.81 -1.66
N TRP B 39 1.98 16.69 -2.36
CA TRP B 39 1.64 16.65 -3.78
C TRP B 39 1.36 15.22 -4.22
N VAL B 40 0.52 14.93 -5.23
CA VAL B 40 0.21 13.58 -5.71
C VAL B 40 0.19 13.64 -7.25
N PRO B 41 0.29 12.55 -8.02
CA PRO B 41 0.10 12.53 -9.48
C PRO B 41 -1.24 13.14 -9.88
N SER B 42 -1.37 13.77 -11.08
CA SER B 42 -2.66 14.28 -11.47
C SER B 42 -2.93 13.77 -12.86
N VAL B 43 -4.19 13.89 -13.25
CA VAL B 43 -4.59 13.45 -14.57
C VAL B 43 -3.88 14.30 -15.60
N TYR B 44 -3.13 15.37 -15.29
CA TYR B 44 -2.46 16.16 -16.28
C TYR B 44 -1.06 15.70 -16.46
N CYS B 45 -0.56 14.73 -15.71
CA CYS B 45 0.83 14.36 -15.85
C CYS B 45 1.15 13.33 -16.92
N SER B 46 2.08 13.69 -17.78
CA SER B 46 2.51 12.85 -18.88
C SER B 46 3.66 11.92 -18.50
N SER B 47 4.37 12.17 -17.40
CA SER B 47 5.50 11.35 -17.10
C SER B 47 5.05 9.91 -16.82
N LEU B 48 5.86 8.99 -17.29
CA LEU B 48 5.68 7.57 -17.11
C LEU B 48 5.37 7.15 -15.68
N ALA B 49 5.98 7.82 -14.69
CA ALA B 49 5.75 7.50 -13.28
C ALA B 49 4.31 7.81 -12.90
N CYS B 50 3.63 8.67 -13.64
CA CYS B 50 2.23 8.95 -13.35
C CYS B 50 1.31 7.88 -13.92
N SER B 51 1.61 7.16 -15.02
CA SER B 51 0.68 6.21 -15.64
C SER B 51 0.27 5.05 -14.75
N ASP B 52 1.27 4.43 -14.12
CA ASP B 52 1.03 3.36 -13.18
C ASP B 52 0.78 3.90 -11.78
N HIS B 53 0.20 5.06 -11.53
CA HIS B 53 0.05 5.54 -10.16
C HIS B 53 -1.24 6.30 -10.06
N ASN B 54 -1.92 6.24 -8.92
CA ASN B 54 -3.16 6.94 -8.71
C ASN B 54 -3.04 8.42 -8.98
N GLN B 55 -3.98 8.89 -9.79
CA GLN B 55 -3.92 10.26 -10.25
C GLN B 55 -5.14 11.03 -9.79
N PHE B 56 -4.89 12.28 -9.40
CA PHE B 56 -5.94 13.16 -8.94
C PHE B 56 -6.64 13.88 -10.09
N ASN B 57 -7.94 13.63 -10.09
CA ASN B 57 -8.86 14.21 -11.05
C ASN B 57 -9.63 15.28 -10.31
N PRO B 58 -9.30 16.52 -10.60
CA PRO B 58 -10.00 17.65 -10.04
C PRO B 58 -11.47 17.71 -10.46
N ASP B 59 -11.81 17.39 -11.71
CA ASP B 59 -13.20 17.40 -12.19
C ASP B 59 -14.13 16.42 -11.49
N ASP B 60 -13.61 15.57 -10.59
CA ASP B 60 -14.42 14.66 -9.75
C ASP B 60 -14.53 15.16 -8.30
N SER B 61 -13.97 16.32 -7.92
CA SER B 61 -14.09 16.81 -6.57
C SER B 61 -15.01 18.03 -6.51
N SER B 62 -16.14 17.93 -5.82
CA SER B 62 -17.03 19.05 -5.66
C SER B 62 -16.40 20.15 -4.85
N THR B 63 -15.36 19.88 -4.03
CA THR B 63 -14.68 20.90 -3.26
C THR B 63 -13.37 21.48 -3.81
N PHE B 64 -12.93 21.13 -5.01
CA PHE B 64 -11.59 21.55 -5.41
C PHE B 64 -11.54 23.01 -5.82
N GLU B 65 -10.47 23.72 -5.46
CA GLU B 65 -10.26 25.09 -5.94
C GLU B 65 -8.93 25.18 -6.66
N ALA B 66 -8.90 25.76 -7.85
CA ALA B 66 -7.68 25.81 -8.62
C ALA B 66 -6.93 27.08 -8.33
N THR B 67 -5.64 27.22 -8.56
CA THR B 67 -5.00 28.50 -8.45
C THR B 67 -4.06 28.48 -9.67
N SER B 68 -3.41 29.57 -10.02
CA SER B 68 -2.42 29.50 -11.09
C SER B 68 -1.01 29.33 -10.52
N GLN B 69 -0.82 29.06 -9.21
CA GLN B 69 0.53 29.02 -8.71
C GLN B 69 1.26 27.73 -9.13
N GLU B 70 2.21 27.81 -10.08
CA GLU B 70 3.05 26.68 -10.46
C GLU B 70 3.97 26.20 -9.29
N LEU B 71 4.57 25.01 -9.28
CA LEU B 71 5.39 24.50 -8.17
C LEU B 71 6.46 23.60 -8.76
N SER B 72 7.64 23.55 -8.19
CA SER B 72 8.75 22.78 -8.72
C SER B 72 9.48 22.25 -7.50
N ILE B 73 9.92 20.98 -7.36
CA ILE B 73 10.60 20.49 -6.17
C ILE B 73 11.57 19.41 -6.57
N THR B 74 12.79 19.43 -6.10
CA THR B 74 13.73 18.35 -6.38
C THR B 74 14.14 17.71 -5.06
N TYR B 75 14.16 16.38 -4.94
CA TYR B 75 14.52 15.64 -3.73
C TYR B 75 15.84 15.00 -4.04
N GLY B 76 16.54 14.34 -3.11
CA GLY B 76 17.74 13.63 -3.50
C GLY B 76 17.32 12.55 -4.51
N THR B 77 16.23 11.82 -4.29
CA THR B 77 15.78 10.91 -5.32
C THR B 77 14.45 11.41 -5.88
N GLY B 78 14.46 11.95 -7.10
CA GLY B 78 13.26 12.29 -7.83
C GLY B 78 12.91 13.77 -7.78
N SER B 79 12.13 14.28 -8.73
CA SER B 79 11.62 15.65 -8.74
C SER B 79 10.20 15.60 -9.33
N MET B 80 9.45 16.71 -9.33
CA MET B 80 8.14 16.80 -9.94
C MET B 80 7.92 18.27 -10.25
N THR B 81 7.20 18.65 -11.30
CA THR B 81 6.81 20.03 -11.46
C THR B 81 5.29 19.89 -11.44
N GLY B 82 4.54 20.90 -11.04
CA GLY B 82 3.11 20.78 -10.91
C GLY B 82 2.45 22.13 -10.72
N ILE B 83 1.23 22.11 -10.25
CA ILE B 83 0.46 23.32 -10.08
C ILE B 83 -0.31 23.19 -8.78
N LEU B 84 -0.60 24.28 -8.10
CA LEU B 84 -1.19 24.17 -6.79
C LEU B 84 -2.66 24.42 -6.83
N GLY B 85 -3.39 23.52 -6.17
CA GLY B 85 -4.83 23.63 -6.05
C GLY B 85 -5.22 23.56 -4.58
N TYR B 86 -6.51 23.49 -4.24
CA TYR B 86 -6.96 23.49 -2.86
C TYR B 86 -7.99 22.41 -2.56
N ASP B 87 -7.99 21.73 -1.41
CA ASP B 87 -9.04 20.78 -1.12
C ASP B 87 -8.99 20.26 0.30
N THR B 88 -9.95 19.41 0.67
CA THR B 88 -9.87 18.68 1.92
C THR B 88 -8.93 17.49 1.71
N VAL B 89 -8.14 17.25 2.76
CA VAL B 89 -7.22 16.13 2.80
C VAL B 89 -7.58 15.40 4.06
N GLN B 90 -7.89 14.11 3.97
CA GLN B 90 -8.17 13.31 5.15
C GLN B 90 -6.82 12.71 5.40
N VAL B 91 -6.25 13.05 6.54
CA VAL B 91 -4.97 12.52 6.94
C VAL B 91 -5.12 12.27 8.45
N GLY B 92 -4.81 11.03 8.82
CA GLY B 92 -4.77 10.59 10.21
C GLY B 92 -6.12 10.79 10.87
N GLY B 93 -7.15 10.42 10.11
CA GLY B 93 -8.53 10.60 10.55
C GLY B 93 -8.93 12.04 10.87
N ILE B 94 -8.34 13.09 10.26
CA ILE B 94 -8.65 14.50 10.47
C ILE B 94 -9.10 15.08 9.10
N SER B 95 -10.07 16.00 9.09
CA SER B 95 -10.46 16.59 7.84
C SER B 95 -9.79 17.91 7.62
N ASP B 96 -8.60 17.82 7.06
CA ASP B 96 -7.87 19.04 6.81
C ASP B 96 -8.56 19.83 5.70
N THR B 97 -9.33 20.86 6.04
CA THR B 97 -9.99 21.59 5.00
C THR B 97 -9.07 22.65 4.44
N ASN B 98 -9.40 23.02 3.21
CA ASN B 98 -8.72 24.07 2.50
C ASN B 98 -7.20 24.00 2.49
N GLN B 99 -6.73 22.80 2.24
CA GLN B 99 -5.31 22.53 2.19
C GLN B 99 -4.76 22.78 0.80
N ILE B 100 -3.71 23.59 0.69
CA ILE B 100 -3.09 23.77 -0.61
C ILE B 100 -2.13 22.59 -0.85
N PHE B 101 -2.18 21.97 -2.02
CA PHE B 101 -1.40 20.79 -2.28
C PHE B 101 -1.05 20.83 -3.75
N GLY B 102 0.01 20.12 -4.14
CA GLY B 102 0.53 20.09 -5.48
C GLY B 102 -0.03 18.93 -6.31
N LEU B 103 -0.42 19.27 -7.53
CA LEU B 103 -0.96 18.31 -8.48
C LEU B 103 0.18 18.26 -9.48
N SER B 104 0.72 17.09 -9.75
CA SER B 104 1.83 17.05 -10.64
C SER B 104 1.51 17.02 -12.12
N GLU B 105 2.45 17.59 -12.85
CA GLU B 105 2.41 17.76 -14.28
C GLU B 105 3.55 16.94 -14.83
N THR B 106 4.76 16.90 -14.22
CA THR B 106 5.79 15.99 -14.72
C THR B 106 6.43 15.39 -13.48
N GLU B 107 6.84 14.12 -13.54
CA GLU B 107 7.63 13.51 -12.49
C GLU B 107 8.78 12.87 -13.28
N PRO B 108 9.80 13.66 -13.67
CA PRO B 108 10.96 13.24 -14.44
C PRO B 108 11.73 12.13 -13.75
N GLY B 109 12.20 11.16 -14.54
CA GLY B 109 13.01 10.09 -13.96
C GLY B 109 12.35 8.71 -13.90
N SER B 110 13.17 7.68 -13.68
CA SER B 110 12.66 6.34 -13.62
C SER B 110 12.38 5.95 -12.18
N PHE B 111 13.20 6.41 -11.23
CA PHE B 111 13.02 6.15 -9.79
C PHE B 111 11.59 5.96 -9.31
N LEU B 112 10.82 7.05 -9.30
CA LEU B 112 9.47 7.03 -8.76
C LEU B 112 8.52 6.12 -9.50
N TYR B 113 8.77 5.79 -10.77
CA TYR B 113 7.94 4.91 -11.57
C TYR B 113 7.82 3.58 -10.92
N TYR B 114 8.90 3.21 -10.22
CA TYR B 114 9.03 1.93 -9.56
C TYR B 114 8.48 1.88 -8.17
N ALA B 115 8.28 3.06 -7.56
CA ALA B 115 7.96 3.23 -6.16
C ALA B 115 6.52 2.84 -5.83
N PRO B 116 6.21 2.20 -4.71
CA PRO B 116 4.87 1.80 -4.33
C PRO B 116 4.02 2.89 -3.66
N PHE B 117 4.24 4.16 -3.99
CA PHE B 117 3.53 5.26 -3.38
C PHE B 117 3.38 6.30 -4.46
N ASP B 118 2.42 7.16 -4.19
CA ASP B 118 1.97 8.16 -5.13
C ASP B 118 2.56 9.52 -4.95
N GLY B 119 2.59 9.97 -3.70
CA GLY B 119 3.08 11.29 -3.39
C GLY B 119 3.83 11.38 -2.06
N ILE B 120 4.08 12.62 -1.68
CA ILE B 120 4.91 13.01 -0.57
C ILE B 120 4.18 14.02 0.31
N LEU B 121 4.15 13.84 1.62
CA LEU B 121 3.57 14.78 2.56
C LEU B 121 4.72 15.34 3.45
N GLY B 122 5.17 16.55 3.13
CA GLY B 122 6.23 17.19 3.88
C GLY B 122 5.85 17.57 5.31
N LEU B 123 6.81 17.51 6.22
CA LEU B 123 6.57 17.81 7.64
C LEU B 123 7.71 18.66 8.23
N ALA B 124 8.46 19.39 7.39
CA ALA B 124 9.51 20.29 7.86
C ALA B 124 8.91 21.71 7.92
N TYR B 125 9.69 22.77 8.11
CA TYR B 125 9.16 24.10 8.37
C TYR B 125 8.68 24.82 7.12
N PRO B 126 7.70 25.70 7.17
CA PRO B 126 7.24 26.48 6.04
C PRO B 126 8.31 27.23 5.24
N SER B 127 9.47 27.56 5.86
CA SER B 127 10.51 28.31 5.18
C SER B 127 11.02 27.50 4.00
N ILE B 128 11.04 26.16 4.10
CA ILE B 128 11.49 25.40 2.94
C ILE B 128 10.38 24.91 2.01
N SER B 129 9.17 25.48 2.13
CA SER B 129 8.06 24.99 1.34
C SER B 129 8.11 25.62 -0.04
N ALA B 130 8.44 24.88 -1.11
CA ALA B 130 8.42 25.40 -2.49
C ALA B 130 7.05 26.02 -2.86
N SER B 131 7.17 27.21 -3.48
CA SER B 131 6.10 28.16 -3.78
C SER B 131 5.33 28.68 -2.55
N GLY B 132 5.88 28.52 -1.35
CA GLY B 132 5.29 29.05 -0.14
C GLY B 132 3.98 28.40 0.27
N ALA B 133 3.81 27.15 -0.17
CA ALA B 133 2.53 26.50 -0.02
C ALA B 133 2.42 26.02 1.41
N THR B 134 1.32 26.28 2.12
CA THR B 134 1.20 25.89 3.50
C THR B 134 1.29 24.40 3.70
N PRO B 135 2.30 24.08 4.51
CA PRO B 135 2.45 22.74 5.02
C PRO B 135 1.16 22.32 5.71
N VAL B 136 0.91 21.03 5.52
CA VAL B 136 -0.19 20.32 6.15
C VAL B 136 -0.21 20.58 7.66
N PHE B 137 0.84 20.29 8.44
CA PHE B 137 0.72 20.42 9.90
C PHE B 137 0.43 21.86 10.28
N ASP B 138 1.11 22.77 9.62
CA ASP B 138 0.86 24.18 9.79
C ASP B 138 -0.61 24.53 9.60
N ASN B 139 -1.24 24.10 8.50
CA ASN B 139 -2.65 24.34 8.23
C ASN B 139 -3.53 23.69 9.26
N LEU B 140 -3.16 22.54 9.83
CA LEU B 140 -3.91 21.90 10.92
C LEU B 140 -3.82 22.68 12.24
N TRP B 141 -2.62 23.17 12.57
CA TRP B 141 -2.45 23.91 13.78
C TRP B 141 -3.22 25.20 13.65
N ASP B 142 -3.05 25.84 12.50
CA ASP B 142 -3.74 27.08 12.21
C ASP B 142 -5.26 27.02 12.27
N GLN B 143 -5.78 25.87 11.91
CA GLN B 143 -7.21 25.70 12.01
C GLN B 143 -7.65 25.21 13.38
N GLY B 144 -6.80 24.91 14.34
CA GLY B 144 -7.24 24.35 15.61
C GLY B 144 -7.67 22.90 15.49
N LEU B 145 -7.18 22.18 14.48
CA LEU B 145 -7.54 20.78 14.27
C LEU B 145 -6.67 19.82 15.10
N VAL B 146 -5.44 20.21 15.44
CA VAL B 146 -4.65 19.38 16.33
C VAL B 146 -4.58 20.01 17.71
N SER B 147 -4.61 19.17 18.72
CA SER B 147 -4.57 19.63 20.10
C SER B 147 -3.24 20.29 20.48
N GLN B 148 -2.09 19.89 19.91
CA GLN B 148 -0.80 20.40 20.29
C GLN B 148 0.02 20.72 19.10
N ASP B 149 1.05 21.54 19.20
CA ASP B 149 1.85 21.87 18.04
C ASP B 149 3.07 20.94 17.91
N LEU B 150 2.85 19.63 17.92
CA LEU B 150 3.90 18.65 17.80
C LEU B 150 3.31 17.38 17.22
N PHE B 151 4.10 16.58 16.55
CA PHE B 151 3.67 15.30 16.02
C PHE B 151 4.81 14.39 16.40
N SER B 152 4.70 13.11 16.29
CA SER B 152 5.78 12.26 16.67
C SER B 152 5.81 11.06 15.74
N VAL B 153 6.90 10.34 15.61
CA VAL B 153 6.97 9.23 14.69
C VAL B 153 7.49 8.02 15.45
N TYR B 154 6.92 6.86 15.20
CA TYR B 154 7.52 5.66 15.69
C TYR B 154 7.69 4.85 14.39
N LEU B 155 8.88 4.38 14.03
CA LEU B 155 9.07 3.56 12.85
C LEU B 155 9.44 2.14 13.26
N SER B 156 8.66 1.14 12.84
CA SER B 156 8.89 -0.22 13.27
C SER B 156 10.08 -0.89 12.66
N SER B 157 10.50 -1.99 13.26
CA SER B 157 11.60 -2.75 12.74
C SER B 157 11.15 -4.09 12.21
N ASN B 158 12.03 -4.68 11.40
CA ASN B 158 11.80 -6.03 10.92
C ASN B 158 10.52 -6.20 10.15
N ASP B 159 10.16 -5.22 9.33
CA ASP B 159 8.93 -5.21 8.53
C ASP B 159 7.70 -5.44 9.35
N ASP B 160 7.69 -5.12 10.66
CA ASP B 160 6.52 -5.33 11.50
C ASP B 160 5.45 -4.29 11.24
N SER B 161 4.23 -4.56 11.67
CA SER B 161 3.12 -3.62 11.63
C SER B 161 3.30 -2.62 12.77
N GLY B 162 2.67 -1.44 12.72
CA GLY B 162 2.65 -0.55 13.86
C GLY B 162 3.43 0.72 13.74
N SER B 163 3.93 1.14 12.57
CA SER B 163 4.63 2.41 12.51
C SER B 163 3.51 3.43 12.50
N VAL B 164 3.74 4.59 13.10
CA VAL B 164 2.69 5.58 13.22
C VAL B 164 3.26 6.98 13.24
N VAL B 165 2.43 7.92 12.78
CA VAL B 165 2.72 9.34 12.86
C VAL B 165 1.58 9.76 13.73
N LEU B 166 1.73 10.29 14.85
CA LEU B 166 0.72 10.75 15.81
C LEU B 166 0.71 12.28 15.73
N LEU B 167 -0.26 12.92 15.10
CA LEU B 167 -0.26 14.36 14.84
C LEU B 167 -0.94 14.99 16.02
N GLY B 168 -0.28 15.90 16.72
CA GLY B 168 -0.82 16.55 17.89
C GLY B 168 -0.60 15.73 19.15
N GLY B 169 0.39 14.86 19.31
CA GLY B 169 0.54 14.15 20.57
C GLY B 169 1.64 13.13 20.62
N ILE B 170 2.04 12.72 21.82
CA ILE B 170 3.08 11.72 21.97
C ILE B 170 2.40 10.50 22.63
N ASP B 171 2.94 9.29 22.70
CA ASP B 171 2.26 8.20 23.38
C ASP B 171 3.42 7.50 24.07
N SER B 172 3.46 7.64 25.37
CA SER B 172 4.57 7.10 26.12
C SER B 172 4.76 5.60 26.02
N SER B 173 3.79 4.84 25.52
CA SER B 173 3.99 3.43 25.32
C SER B 173 5.07 3.14 24.32
N TYR B 174 5.55 4.08 23.50
CA TYR B 174 6.55 3.75 22.50
C TYR B 174 7.99 3.91 22.91
N TYR B 175 8.23 4.36 24.14
CA TYR B 175 9.58 4.64 24.50
C TYR B 175 9.79 4.34 25.95
N THR B 176 11.08 4.13 26.15
CA THR B 176 11.66 3.83 27.45
C THR B 176 12.28 5.08 28.06
N GLY B 177 12.00 5.21 29.35
CA GLY B 177 12.56 6.30 30.14
C GLY B 177 11.99 7.61 29.70
N SER B 178 12.78 8.65 29.49
CA SER B 178 12.21 9.96 29.16
C SER B 178 12.83 10.62 27.94
N LEU B 179 12.05 11.57 27.39
CA LEU B 179 12.53 12.27 26.21
C LEU B 179 13.58 13.24 26.64
N ASN B 180 14.55 13.31 25.76
CA ASN B 180 15.62 14.27 25.84
C ASN B 180 15.23 15.28 24.78
N TRP B 181 15.29 16.57 25.01
CA TRP B 181 14.99 17.52 23.96
C TRP B 181 16.29 18.11 23.44
N VAL B 182 16.33 18.34 22.15
CA VAL B 182 17.48 18.90 21.46
C VAL B 182 16.86 20.12 20.78
N PRO B 183 17.35 21.37 20.91
CA PRO B 183 17.02 22.49 20.01
C PRO B 183 17.34 22.32 18.51
N VAL B 184 16.46 22.82 17.63
CA VAL B 184 16.67 22.86 16.18
C VAL B 184 17.70 23.98 16.08
N SER B 185 18.86 23.75 15.46
CA SER B 185 19.89 24.78 15.33
C SER B 185 19.45 25.85 14.35
N VAL B 186 19.12 25.39 13.13
CA VAL B 186 18.68 26.18 12.01
C VAL B 186 17.30 25.62 11.63
N GLU B 187 16.26 26.45 11.57
CA GLU B 187 14.87 26.01 11.36
C GLU B 187 14.36 26.03 9.95
N GLY B 188 14.34 24.89 9.33
CA GLY B 188 13.92 24.73 7.95
C GLY B 188 13.71 23.25 7.86
N TYR B 189 14.79 22.48 7.92
CA TYR B 189 14.67 21.04 8.15
C TYR B 189 14.64 20.86 9.67
N TRP B 190 14.50 19.67 10.25
CA TRP B 190 14.60 19.57 11.70
C TRP B 190 16.09 19.31 11.85
N GLN B 191 16.82 20.43 11.83
CA GLN B 191 18.26 20.44 11.83
C GLN B 191 18.73 20.52 13.26
N ILE B 192 19.58 19.61 13.72
CA ILE B 192 20.08 19.63 15.09
C ILE B 192 21.57 19.48 14.96
N THR B 193 22.33 19.97 15.95
CA THR B 193 23.78 19.88 15.90
C THR B 193 24.26 18.54 16.43
N LEU B 194 25.05 17.85 15.63
CA LEU B 194 25.65 16.58 15.99
C LEU B 194 26.95 16.93 16.69
N ASP B 195 27.19 16.48 17.92
CA ASP B 195 28.43 16.76 18.59
C ASP B 195 29.62 15.96 18.10
N SER B 196 29.48 14.63 17.91
CA SER B 196 30.56 13.77 17.41
C SER B 196 30.01 12.40 17.09
N ILE B 197 30.78 11.55 16.41
CA ILE B 197 30.37 10.17 16.11
C ILE B 197 31.55 9.33 16.53
N THR B 198 31.40 8.39 17.48
CA THR B 198 32.53 7.60 17.93
C THR B 198 32.24 6.12 17.79
N MET B 199 33.30 5.33 17.83
CA MET B 199 33.29 3.88 17.86
C MET B 199 34.51 3.59 18.71
N ASP B 200 34.28 2.87 19.82
CA ASP B 200 35.32 2.47 20.76
C ASP B 200 35.99 3.64 21.43
N GLY B 201 35.21 4.73 21.58
CA GLY B 201 35.68 5.95 22.22
C GLY B 201 36.37 6.97 21.30
N GLU B 202 36.91 6.57 20.13
CA GLU B 202 37.62 7.51 19.25
C GLU B 202 36.64 8.09 18.25
N THR B 203 36.67 9.42 18.07
CA THR B 203 35.87 10.10 17.07
C THR B 203 36.22 9.50 15.71
N ILE B 204 35.27 8.97 14.92
CA ILE B 204 35.57 8.40 13.60
C ILE B 204 35.08 9.26 12.42
N ALA B 205 34.32 10.30 12.84
CA ALA B 205 33.67 11.29 12.00
C ALA B 205 33.15 12.41 12.91
N CYS B 206 32.71 13.52 12.30
CA CYS B 206 32.10 14.66 12.98
C CYS B 206 32.84 15.22 14.20
N SER B 207 34.15 15.36 14.04
CA SER B 207 34.99 15.86 15.11
C SER B 207 34.74 17.34 15.28
N GLY B 208 34.35 17.76 16.48
CA GLY B 208 34.10 19.17 16.65
C GLY B 208 32.77 19.52 16.02
N GLY B 209 31.88 18.51 15.97
CA GLY B 209 30.51 18.70 15.54
C GLY B 209 30.25 18.94 14.06
N CYS B 210 29.03 18.56 13.70
CA CYS B 210 28.54 18.79 12.37
C CYS B 210 27.03 18.93 12.38
N GLN B 211 26.39 19.41 11.30
CA GLN B 211 24.94 19.59 11.24
C GLN B 211 24.26 18.35 10.70
N ALA B 212 23.15 18.01 11.35
CA ALA B 212 22.40 16.82 11.07
C ALA B 212 20.94 17.16 10.93
N ILE B 213 20.21 16.50 10.03
CA ILE B 213 18.76 16.65 9.97
C ILE B 213 18.15 15.30 10.31
N VAL B 214 16.98 15.24 10.93
CA VAL B 214 16.30 13.99 11.29
C VAL B 214 15.35 13.83 10.12
N ASP B 215 15.63 12.93 9.19
CA ASP B 215 14.79 12.82 8.02
C ASP B 215 14.06 11.51 7.91
N THR B 216 12.72 11.53 8.05
CA THR B 216 11.89 10.32 7.98
C THR B 216 11.83 9.75 6.58
N GLY B 217 12.11 10.62 5.61
CA GLY B 217 12.13 10.30 4.22
C GLY B 217 13.46 9.77 3.73
N THR B 218 14.51 9.55 4.55
CA THR B 218 15.72 8.93 4.03
C THR B 218 15.78 7.54 4.68
N SER B 219 16.07 6.52 3.88
CA SER B 219 16.04 5.16 4.34
C SER B 219 17.25 4.88 5.21
N LEU B 220 18.38 5.21 4.60
CA LEU B 220 19.66 4.99 5.23
C LEU B 220 20.10 6.11 6.16
N LEU B 221 21.28 5.98 6.74
CA LEU B 221 21.92 7.05 7.49
C LEU B 221 22.95 7.65 6.51
N THR B 222 22.68 8.84 6.03
CA THR B 222 23.47 9.44 4.99
C THR B 222 24.39 10.50 5.55
N GLY B 223 25.56 10.68 4.95
CA GLY B 223 26.52 11.65 5.46
C GLY B 223 27.52 12.06 4.40
N PRO B 224 28.36 13.09 4.60
CA PRO B 224 29.33 13.54 3.61
C PRO B 224 30.29 12.40 3.22
N THR B 225 30.18 12.00 1.94
CA THR B 225 30.88 10.91 1.26
C THR B 225 32.19 10.50 1.94
N SER B 226 33.20 11.37 2.00
CA SER B 226 34.47 11.15 2.68
C SER B 226 34.41 10.61 4.12
N ALA B 227 33.51 11.13 4.95
CA ALA B 227 33.29 10.66 6.31
C ALA B 227 32.79 9.22 6.38
N ILE B 228 31.73 9.02 5.59
CA ILE B 228 31.00 7.76 5.49
C ILE B 228 31.97 6.70 4.99
N ALA B 229 32.84 7.07 4.04
CA ALA B 229 33.82 6.17 3.43
C ALA B 229 34.74 5.60 4.49
N ASN B 230 35.01 6.38 5.54
CA ASN B 230 35.74 5.87 6.68
C ASN B 230 34.98 4.84 7.46
N ILE B 231 33.78 5.18 7.93
CA ILE B 231 32.88 4.31 8.68
C ILE B 231 32.76 2.97 7.97
N GLN B 232 32.51 2.97 6.65
CA GLN B 232 32.41 1.77 5.84
C GLN B 232 33.60 0.85 6.05
N SER B 233 34.79 1.43 6.09
CA SER B 233 36.03 0.70 6.36
C SER B 233 36.04 0.21 7.80
N ASP B 234 35.66 1.04 8.74
CA ASP B 234 35.62 0.71 10.16
C ASP B 234 34.60 -0.40 10.51
N ILE B 235 33.79 -0.85 9.55
CA ILE B 235 32.94 -1.99 9.74
C ILE B 235 33.22 -2.98 8.60
N GLY B 236 34.12 -2.75 7.65
CA GLY B 236 34.42 -3.71 6.59
C GLY B 236 33.29 -3.95 5.58
N ALA B 237 32.63 -2.92 5.07
CA ALA B 237 31.60 -3.11 4.06
C ALA B 237 32.30 -2.72 2.77
N SER B 238 31.93 -3.32 1.62
CA SER B 238 32.61 -3.05 0.34
C SER B 238 31.66 -3.06 -0.85
N GLU B 239 31.98 -2.37 -1.95
CA GLU B 239 31.00 -2.26 -3.02
C GLU B 239 30.85 -3.39 -4.01
N ASN B 240 29.55 -3.61 -4.18
CA ASN B 240 28.96 -4.56 -5.10
C ASN B 240 28.40 -3.72 -6.27
N SER B 241 27.15 -3.70 -6.72
CA SER B 241 26.80 -2.96 -7.92
C SER B 241 25.58 -2.09 -7.74
N ASP B 242 26.00 -0.82 -7.70
CA ASP B 242 25.20 0.38 -7.46
C ASP B 242 24.87 0.42 -5.99
N GLY B 243 25.71 1.18 -5.29
CA GLY B 243 25.53 1.47 -3.87
C GLY B 243 25.55 0.30 -2.87
N GLU B 244 25.51 -0.97 -3.30
CA GLU B 244 25.52 -2.12 -2.41
C GLU B 244 26.86 -2.33 -1.72
N MET B 245 26.99 -1.61 -0.63
CA MET B 245 28.11 -1.72 0.27
C MET B 245 27.74 -2.88 1.16
N VAL B 246 28.17 -4.00 0.59
CA VAL B 246 27.87 -5.28 1.15
C VAL B 246 28.81 -5.65 2.30
N ILE B 247 28.23 -6.31 3.29
CA ILE B 247 28.96 -6.70 4.47
C ILE B 247 28.52 -8.12 4.76
N SER B 248 29.38 -8.90 5.40
CA SER B 248 29.06 -10.27 5.69
C SER B 248 28.11 -10.25 6.87
N CYS B 249 27.04 -11.04 6.85
CA CYS B 249 26.16 -11.10 7.99
C CYS B 249 26.80 -11.71 9.24
N SER B 250 27.98 -12.36 9.16
CA SER B 250 28.65 -12.94 10.35
C SER B 250 29.25 -11.89 11.30
N SER B 251 29.56 -10.79 10.63
CA SER B 251 30.19 -9.63 11.21
C SER B 251 29.33 -8.93 12.24
N ILE B 252 28.01 -8.99 12.08
CA ILE B 252 27.07 -8.33 12.96
C ILE B 252 27.36 -8.58 14.43
N ASP B 253 27.83 -9.76 14.80
CA ASP B 253 27.96 -10.06 16.20
C ASP B 253 29.31 -9.77 16.82
N SER B 254 30.12 -9.06 16.05
CA SER B 254 31.48 -8.71 16.44
C SER B 254 31.69 -7.20 16.51
N LEU B 255 30.94 -6.47 15.70
CA LEU B 255 31.11 -5.03 15.60
C LEU B 255 30.67 -4.27 16.83
N PRO B 256 31.23 -3.09 17.05
CA PRO B 256 30.84 -2.26 18.17
C PRO B 256 29.83 -1.16 17.82
N ASP B 257 29.18 -0.62 18.86
CA ASP B 257 28.23 0.43 18.65
C ASP B 257 28.96 1.65 18.14
N ILE B 258 28.20 2.36 17.31
CA ILE B 258 28.62 3.65 16.79
C ILE B 258 27.72 4.62 17.53
N VAL B 259 28.34 5.53 18.28
CA VAL B 259 27.60 6.42 19.15
C VAL B 259 27.56 7.81 18.57
N PHE B 260 26.33 8.34 18.59
CA PHE B 260 26.03 9.70 18.14
C PHE B 260 25.80 10.55 19.38
N THR B 261 26.62 11.56 19.66
CA THR B 261 26.40 12.35 20.86
C THR B 261 25.70 13.65 20.41
N ILE B 262 24.47 13.83 20.85
CA ILE B 262 23.74 15.00 20.44
C ILE B 262 23.40 15.61 21.78
N ASN B 263 23.77 16.86 21.93
CA ASN B 263 23.54 17.67 23.13
C ASN B 263 24.04 16.95 24.39
N GLY B 264 25.23 16.31 24.36
CA GLY B 264 25.84 15.72 25.54
C GLY B 264 25.42 14.27 25.87
N VAL B 265 24.31 13.81 25.28
CA VAL B 265 23.76 12.48 25.51
C VAL B 265 24.25 11.65 24.34
N GLN B 266 24.58 10.38 24.63
CA GLN B 266 25.09 9.45 23.62
C GLN B 266 23.91 8.65 23.04
N TYR B 267 23.73 8.47 21.72
CA TYR B 267 22.62 7.69 21.17
C TYR B 267 23.35 6.68 20.33
N PRO B 268 23.51 5.47 20.88
CA PRO B 268 24.19 4.40 20.18
C PRO B 268 23.35 3.65 19.14
N LEU B 269 23.90 3.36 17.97
CA LEU B 269 23.23 2.39 17.14
C LEU B 269 24.06 1.11 17.27
N SER B 270 23.42 0.02 17.68
CA SER B 270 24.06 -1.27 17.72
C SER B 270 24.35 -1.74 16.28
N PRO B 271 25.24 -2.71 16.00
CA PRO B 271 25.39 -3.33 14.67
C PRO B 271 24.08 -3.88 14.12
N SER B 272 23.24 -4.48 14.95
CA SER B 272 21.95 -4.93 14.48
C SER B 272 20.99 -3.76 14.25
N ALA B 273 21.36 -2.48 14.41
CA ALA B 273 20.49 -1.38 13.97
C ALA B 273 21.07 -0.87 12.66
N TYR B 274 22.41 -0.76 12.57
CA TYR B 274 22.92 -0.12 11.40
C TYR B 274 23.32 -1.07 10.31
N ILE B 275 23.06 -2.39 10.42
CA ILE B 275 23.29 -3.27 9.28
C ILE B 275 21.93 -3.84 8.92
N LEU B 276 21.54 -3.67 7.66
CA LEU B 276 20.23 -4.10 7.18
C LEU B 276 20.57 -5.38 6.51
N GLN B 277 19.75 -6.36 6.80
CA GLN B 277 19.97 -7.70 6.33
C GLN B 277 18.74 -8.30 5.63
N ASP B 278 18.78 -8.68 4.35
CA ASP B 278 17.65 -9.36 3.77
C ASP B 278 18.06 -10.81 3.56
N ASP B 279 17.22 -11.58 4.26
CA ASP B 279 17.27 -13.02 4.40
C ASP B 279 18.66 -13.42 4.89
N ASP B 280 19.55 -13.55 3.91
CA ASP B 280 20.85 -14.20 3.92
C ASP B 280 22.03 -13.30 3.55
N SER B 281 21.74 -12.01 3.37
CA SER B 281 22.71 -11.03 2.95
C SER B 281 22.51 -9.79 3.80
N CYS B 282 23.64 -9.13 4.06
CA CYS B 282 23.71 -7.89 4.82
C CYS B 282 24.27 -6.74 3.98
N THR B 283 23.96 -5.51 4.38
CA THR B 283 24.41 -4.32 3.71
C THR B 283 24.74 -3.25 4.74
N SER B 284 25.32 -2.13 4.33
CA SER B 284 25.61 -1.08 5.27
C SER B 284 24.45 -0.10 5.33
N GLY B 285 24.14 0.31 6.56
CA GLY B 285 23.13 1.30 6.81
C GLY B 285 23.59 2.71 6.46
N PHE B 286 24.88 2.90 6.19
CA PHE B 286 25.45 4.21 5.90
C PHE B 286 25.56 4.45 4.42
N GLU B 287 25.16 5.63 3.98
CA GLU B 287 25.27 6.00 2.55
C GLU B 287 26.03 7.32 2.42
N GLY B 288 26.92 7.47 1.46
CA GLY B 288 27.62 8.74 1.25
C GLY B 288 26.78 9.64 0.34
N MET B 289 26.63 10.89 0.73
CA MET B 289 25.80 11.81 -0.01
C MET B 289 26.13 13.21 0.45
N ASP B 290 26.80 13.97 -0.42
CA ASP B 290 27.14 15.34 -0.06
C ASP B 290 25.89 16.17 -0.31
N VAL B 291 25.36 16.80 0.75
CA VAL B 291 24.16 17.64 0.67
C VAL B 291 24.56 19.04 1.19
N PRO B 292 25.19 19.89 0.38
CA PRO B 292 25.60 21.24 0.78
C PRO B 292 24.47 22.24 1.01
N THR B 293 24.48 22.89 2.15
CA THR B 293 23.45 23.82 2.58
C THR B 293 24.08 25.15 3.00
N SER B 294 23.40 26.30 3.25
CA SER B 294 24.05 27.50 3.79
C SER B 294 24.52 27.32 5.23
N SER B 295 23.87 26.42 5.98
CA SER B 295 24.28 26.03 7.30
C SER B 295 25.13 24.77 7.28
N GLY B 296 25.93 24.50 6.25
CA GLY B 296 26.88 23.38 6.32
C GLY B 296 26.44 22.18 5.53
N GLU B 297 27.33 21.22 5.32
CA GLU B 297 27.04 20.00 4.59
C GLU B 297 26.41 18.98 5.54
N LEU B 298 25.14 18.61 5.30
CA LEU B 298 24.38 17.79 6.22
C LEU B 298 24.68 16.33 6.42
N TRP B 299 24.32 15.87 7.63
CA TRP B 299 24.36 14.49 8.05
C TRP B 299 22.90 14.16 8.17
N ILE B 300 22.30 13.22 7.42
CA ILE B 300 20.88 12.91 7.49
C ILE B 300 20.76 11.65 8.30
N LEU B 301 19.97 11.80 9.35
CA LEU B 301 19.70 10.76 10.31
C LEU B 301 18.34 10.26 9.87
N GLY B 302 18.42 9.24 9.00
CA GLY B 302 17.27 8.55 8.44
C GLY B 302 16.61 7.47 9.27
N ASP B 303 15.85 6.61 8.62
CA ASP B 303 15.06 5.57 9.29
C ASP B 303 15.95 4.63 10.04
N VAL B 304 17.17 4.39 9.53
CA VAL B 304 18.14 3.58 10.25
C VAL B 304 18.29 4.05 11.70
N PHE B 305 18.24 5.36 11.96
CA PHE B 305 18.35 5.87 13.29
C PHE B 305 16.96 5.92 13.90
N ILE B 306 15.98 6.56 13.25
CA ILE B 306 14.63 6.74 13.79
C ILE B 306 14.00 5.42 14.26
N ARG B 307 14.31 4.29 13.59
CA ARG B 307 13.87 2.96 14.01
C ARG B 307 14.21 2.64 15.48
N GLN B 308 15.29 3.20 16.04
CA GLN B 308 15.75 2.97 17.40
C GLN B 308 15.35 4.01 18.42
N TYR B 309 14.83 5.16 17.99
CA TYR B 309 14.50 6.31 18.83
C TYR B 309 13.17 6.91 18.43
N TYR B 310 12.21 6.84 19.34
CA TYR B 310 10.89 7.40 19.13
C TYR B 310 11.15 8.88 19.00
N THR B 311 10.72 9.55 17.92
CA THR B 311 11.08 10.94 17.74
C THR B 311 9.85 11.86 17.82
N VAL B 312 9.89 12.98 18.55
CA VAL B 312 8.79 13.93 18.70
C VAL B 312 9.28 15.21 18.04
N PHE B 313 8.45 15.99 17.36
CA PHE B 313 8.95 17.15 16.63
C PHE B 313 8.04 18.26 17.13
N ASP B 314 8.56 19.04 18.06
CA ASP B 314 7.81 20.06 18.71
C ASP B 314 8.02 21.38 18.01
N ARG B 315 6.95 21.87 17.38
CA ARG B 315 6.95 23.16 16.69
C ARG B 315 6.68 24.25 17.66
N ALA B 316 5.93 23.96 18.73
CA ALA B 316 5.65 24.98 19.73
C ALA B 316 6.92 25.58 20.29
N ASN B 317 7.97 24.78 20.43
CA ASN B 317 9.22 25.31 20.92
C ASN B 317 10.43 24.95 20.07
N ASN B 318 10.29 24.49 18.83
CA ASN B 318 11.42 24.15 17.97
C ASN B 318 12.46 23.28 18.63
N LYS B 319 11.99 22.10 19.06
CA LYS B 319 12.80 21.08 19.67
C LYS B 319 12.45 19.70 19.12
N VAL B 320 13.47 18.86 19.01
CA VAL B 320 13.32 17.46 18.65
C VAL B 320 13.40 16.64 19.97
N GLY B 321 12.50 15.70 20.29
CA GLY B 321 12.55 14.93 21.52
C GLY B 321 12.83 13.50 21.17
N LEU B 322 13.85 12.91 21.78
CA LEU B 322 14.29 11.58 21.43
C LEU B 322 14.32 10.75 22.70
N ALA B 323 14.01 9.48 22.59
CA ALA B 323 14.04 8.55 23.72
C ALA B 323 14.14 7.16 23.08
N PRO B 324 14.69 6.09 23.67
CA PRO B 324 14.79 4.79 23.03
C PRO B 324 13.40 4.16 22.84
N VAL B 325 13.13 3.50 21.70
CA VAL B 325 11.83 2.85 21.53
C VAL B 325 11.65 1.77 22.60
N ALA B 326 10.36 1.47 22.81
CA ALA B 326 9.94 0.38 23.68
C ALA B 326 10.16 -0.82 22.79
C3 0ZL C . -6.61 -4.82 -16.71
C4 0ZL C . -5.91 -6.18 -16.54
O2 0ZL C . -6.13 -6.67 -15.28
C1 0ZL C . -5.70 -7.92 -14.76
O1 0ZL C . -5.21 -8.77 -15.50
N 0ZL C . -5.90 -8.13 -13.46
CA 0ZL C . -5.59 -9.39 -12.78
C 0ZL C . -6.66 -10.43 -13.09
O 0ZL C . -7.84 -10.14 -13.39
CB 0ZL C . -5.55 -9.26 -11.27
CG 0ZL C . -4.68 -8.22 -10.66
CD1 0ZL C . -4.99 -8.25 -9.18
CD2 0ZL C . -3.21 -8.45 -11.00
N1 0ZL C . -6.21 -11.67 -12.96
CA1 0ZL C . -7.09 -12.78 -13.15
C2 0ZL C . -6.66 -13.78 -12.10
O3 0ZL C . -5.78 -14.61 -12.33
CB1 0ZL C . -6.90 -13.29 -14.56
CG1 0ZL C . -7.89 -14.20 -15.24
CD11 0ZL C . -9.29 -13.62 -15.24
CD21 0ZL C . -7.45 -14.30 -16.66
C11 0ZL C . -6.85 -14.59 -9.84
N2 0ZL C . -7.18 -13.65 -10.88
C21 0ZL C . -8.03 -15.52 -9.50
O21 0ZL C . -9.18 -14.68 -9.47
C31 0ZL C . -8.26 -16.57 -10.60
O31 0ZL C . -7.24 -17.54 -10.41
C41 0ZL C . -9.59 -17.26 -10.61
C5 0ZL C . -9.73 -18.22 -11.76
C6 0ZL C . -9.45 -17.51 -13.06
C7 0ZL C . -11.13 -18.85 -11.73
C7' 0ZL C . -6.37 -13.80 -8.65
C1' 0ZL C . -5.19 -12.91 -8.89
C2' 0ZL C . -4.04 -13.68 -9.53
C6' 0ZL C . -4.79 -12.34 -7.57
C3' 0ZL C . -2.78 -12.88 -9.65
C5' 0ZL C . -3.60 -11.47 -7.79
C4' 0ZL C . -2.45 -12.32 -8.30
C3 0ZL D . 18.75 2.15 -0.24
C4 0ZL D . 18.62 3.62 -0.71
O2 0ZL D . 17.43 4.15 -0.26
C1 0ZL D . 16.78 5.26 -0.90
O1 0ZL D . 17.17 5.66 -2.01
N 0ZL D . 15.72 5.81 -0.30
CA 0ZL D . 15.08 7.03 -0.79
C 0ZL D . 15.93 8.17 -0.21
O 0ZL D . 16.57 8.02 0.87
CB 0ZL D . 13.67 7.18 -0.21
CG 0ZL D . 12.65 6.04 -0.21
CD1 0ZL D . 11.66 6.31 0.91
CD2 0ZL D . 11.91 5.92 -1.53
N1 0ZL D . 16.03 9.31 -0.87
CA1 0ZL D . 16.67 10.46 -0.25
C2 0ZL D . 15.67 11.58 -0.47
O3 0ZL D . 15.69 12.22 -1.51
CB1 0ZL D . 17.97 10.80 -0.92
CG1 0ZL D . 19.04 11.32 0.03
CD11 0ZL D . 19.96 10.17 0.43
CD21 0ZL D . 19.85 12.42 -0.65
C11 0ZL D . 13.71 12.82 0.27
N2 0ZL D . 14.72 11.78 0.45
C21 0ZL D . 13.84 14.07 1.18
O21 0ZL D . 13.89 13.57 2.50
C31 0ZL D . 15.18 14.83 0.95
O31 0ZL D . 15.17 15.26 -0.41
C41 0ZL D . 15.55 15.95 1.94
C5 0ZL D . 16.85 16.74 1.74
C6 0ZL D . 18.01 15.83 1.52
C7 0ZL D . 17.20 17.50 2.98
C7' 0ZL D . 12.36 12.18 0.43
C1' 0ZL D . 11.95 11.11 -0.54
C2' 0ZL D . 12.03 11.59 -1.97
C6' 0ZL D . 10.51 10.74 -0.25
C3' 0ZL D . 11.84 10.40 -2.82
C5' 0ZL D . 10.17 9.53 -1.07
C4' 0ZL D . 10.44 9.86 -2.54
#